data_6CXG
#
_entry.id   6CXG
#
_cell.length_a   45.221
_cell.length_b   131.179
_cell.length_c   169.541
_cell.angle_alpha   90.00
_cell.angle_beta   90.00
_cell.angle_gamma   90.00
#
_symmetry.space_group_name_H-M   'P 21 21 21'
#
loop_
_entity.id
_entity.type
_entity.pdbx_description
1 polymer 'anti-HIV-1 Fab 2G12 light chain'
2 polymer 'anti-HIV-1 Fab 2g12 heavy chain'
3 polymer '10V1S glycopeptide'
4 branched alpha-D-mannopyranose-(1-2)-alpha-D-mannopyranose-(1-2)-alpha-D-mannopyranose-(1-3)-[alpha-D-mannopyranose-(1-2)-alpha-D-mannopyranose-(1-3)-[alpha-D-mannopyranose-(1-2)-alpha-D-mannopyranose-(1-6)]alpha-D-mannopyranose-(1-6)]beta-D-mannopyranose
5 branched alpha-D-mannopyranose-(1-2)-alpha-D-mannopyranose-(1-6)-[alpha-D-mannopyranose-(1-3)]alpha-D-mannopyranose-(1-6)-[alpha-D-mannopyranose-(1-2)-alpha-D-mannopyranose-(1-3)]beta-D-mannopyranose
6 non-polymer GLYCEROL
7 water water
#
loop_
_entity_poly.entity_id
_entity_poly.type
_entity_poly.pdbx_seq_one_letter_code
_entity_poly.pdbx_strand_id
1 'polypeptide(L)'
;AVVMTQSPSTLSASVGDTITITCRASQSIETWLAWYQQKPGKAPKLLIYKASTLKTGVPSRFSGSGSGTEFTLTISGLQF
DDFATYHCQHYAGYSATFGQGTRVEIKRTVAAPSVFIFPPSDEQLKSGTASVVCLLNNFYPREAKVQWKVDNALQSGNSQ
ESVTEQDSKDSTYSLSSTLTLSKADYEKHKVYACEVTHQGLSSPVTKSFNRGE
;
L,K
2 'polypeptide(L)'
;EVQLVESGGGLVKAGGSLILSCGVSNFRISAHTMNWVRRVPGGGLEWVASISTSSTYRDYADAVKGRFTVSRDDLEDFVY
LQMHKMRVEDTAIYYCARKGSDRLSDNDPFDAWGPGTVVTVSPASTKGPSVFPLAPSSKSTSGGTAALGCLVKDYFPEPV
TVSWNSGALTSGVHTFPAVLQSSGLYSLSSVVTVPSSSLGTQTYICNVNHKPSNTKVDKKVEPK
;
H,M
3 'polypeptide(L)' (FOD)ATKTNSKREKT(FOD)DNHVTI(FOD)RSIPWYTYRWLPNGSGSG(BUC)A A,C
#
# COMPACT_ATOMS: atom_id res chain seq x y z
N ALA A 1 9.64 33.02 6.71
CA ALA A 1 8.67 32.45 5.73
C ALA A 1 8.75 33.18 4.39
N VAL A 2 9.85 32.98 3.66
CA VAL A 2 10.07 33.83 2.49
C VAL A 2 9.29 33.20 1.35
N VAL A 3 8.55 34.04 0.63
CA VAL A 3 7.81 33.60 -0.55
C VAL A 3 8.57 33.79 -1.85
N MET A 4 8.69 32.73 -2.64
CA MET A 4 9.41 32.83 -3.91
C MET A 4 8.36 32.72 -5.00
N THR A 5 8.33 33.71 -5.88
CA THR A 5 7.32 33.81 -6.94
C THR A 5 7.98 33.86 -8.30
N GLN A 6 7.76 32.84 -9.12
CA GLN A 6 8.32 32.86 -10.46
C GLN A 6 7.37 33.57 -11.40
N SER A 7 7.90 34.00 -12.54
CA SER A 7 7.10 34.69 -13.53
C SER A 7 7.78 34.59 -14.90
N PRO A 8 7.04 34.16 -15.93
CA PRO A 8 5.63 33.75 -15.82
C PRO A 8 5.53 32.29 -15.39
N SER A 9 4.31 31.79 -15.20
CA SER A 9 4.13 30.39 -14.84
C SER A 9 4.31 29.50 -16.06
N THR A 10 3.84 29.98 -17.20
CA THR A 10 4.08 29.31 -18.47
C THR A 10 4.67 30.31 -19.44
N LEU A 11 5.76 29.93 -20.09
CA LEU A 11 6.46 30.83 -21.00
C LEU A 11 6.52 30.18 -22.37
N SER A 12 5.81 30.76 -23.33
CA SER A 12 5.74 30.18 -24.67
C SER A 12 6.75 30.83 -25.61
N ALA A 13 7.58 30.02 -26.25
CA ALA A 13 8.68 30.53 -27.04
C ALA A 13 9.01 29.56 -28.17
N SER A 14 9.87 29.98 -29.08
CA SER A 14 10.31 29.15 -30.20
C SER A 14 11.81 28.86 -30.14
N VAL A 15 12.22 27.80 -30.81
CA VAL A 15 13.64 27.48 -30.92
C VAL A 15 14.45 28.63 -31.51
N GLY A 16 15.55 28.95 -30.85
CA GLY A 16 16.44 30.02 -31.27
C GLY A 16 16.14 31.32 -30.55
N ASP A 17 14.97 31.39 -29.93
CA ASP A 17 14.59 32.55 -29.13
C ASP A 17 15.50 32.78 -27.93
N THR A 18 15.45 34.01 -27.43
CA THR A 18 16.05 34.37 -26.16
C THR A 18 14.97 34.73 -25.16
N ILE A 19 14.92 33.99 -24.05
CA ILE A 19 13.86 34.11 -23.07
C ILE A 19 14.39 34.36 -21.67
N THR A 20 13.53 34.91 -20.83
CA THR A 20 13.91 35.30 -19.47
C THR A 20 12.85 34.92 -18.45
N ILE A 21 13.23 34.06 -17.52
CA ILE A 21 12.37 33.71 -16.41
C ILE A 21 12.76 34.56 -15.22
N THR A 22 11.78 35.17 -14.55
CA THR A 22 12.07 35.99 -13.38
C THR A 22 11.66 35.27 -12.10
N CYS A 23 12.45 35.46 -11.05
CA CYS A 23 12.08 34.93 -9.73
C CYS A 23 12.23 36.08 -8.78
N ARG A 24 11.16 36.42 -8.07
CA ARG A 24 11.21 37.48 -7.08
C ARG A 24 10.93 36.94 -5.67
N ALA A 25 11.73 37.35 -4.70
CA ALA A 25 11.53 36.99 -3.30
C ALA A 25 10.84 38.10 -2.50
N SER A 26 9.98 37.71 -1.57
CA SER A 26 9.21 38.65 -0.79
C SER A 26 10.06 39.46 0.18
N GLN A 27 11.29 38.99 0.40
CA GLN A 27 12.26 39.80 1.13
C GLN A 27 13.66 39.37 0.70
N SER A 28 14.64 40.22 0.99
CA SER A 28 16.00 39.99 0.51
C SER A 28 16.61 38.68 0.97
N ILE A 29 17.18 37.96 0.02
CA ILE A 29 17.87 36.70 0.27
C ILE A 29 19.29 36.77 -0.27
N GLU A 30 19.83 37.98 -0.33
CA GLU A 30 21.18 38.21 -0.85
C GLU A 30 21.36 37.50 -2.19
N THR A 31 22.29 36.55 -2.29
CA THR A 31 22.40 35.76 -3.51
C THR A 31 22.21 34.27 -3.28
N TRP A 32 21.46 33.91 -2.24
CA TRP A 32 21.28 32.50 -1.91
C TRP A 32 20.17 31.91 -2.76
N LEU A 33 20.42 31.81 -4.06
CA LEU A 33 19.39 31.43 -5.01
C LEU A 33 19.97 30.46 -6.03
N ALA A 34 19.24 29.39 -6.30
CA ALA A 34 19.67 28.38 -7.26
C ALA A 34 18.57 28.14 -8.29
N TRP A 35 18.95 27.69 -9.47
CA TRP A 35 18.01 27.37 -10.55
C TRP A 35 18.15 25.92 -10.95
N TYR A 36 17.02 25.26 -11.16
CA TYR A 36 17.01 23.85 -11.52
C TYR A 36 16.19 23.61 -12.77
N GLN A 37 16.64 22.68 -13.61
CA GLN A 37 15.88 22.23 -14.76
C GLN A 37 15.27 20.88 -14.44
N GLN A 38 14.04 20.63 -14.88
CA GLN A 38 13.43 19.33 -14.67
C GLN A 38 12.56 18.97 -15.85
N LYS A 39 12.78 17.77 -16.38
CA LYS A 39 11.98 17.26 -17.47
C LYS A 39 11.01 16.23 -16.88
N PRO A 40 9.85 16.03 -17.53
CA PRO A 40 8.83 15.13 -17.01
C PRO A 40 9.36 13.76 -16.61
N GLY A 41 9.02 13.31 -15.40
CA GLY A 41 9.39 11.98 -14.97
C GLY A 41 10.83 11.85 -14.50
N LYS A 42 11.59 12.94 -14.56
CA LYS A 42 13.02 12.86 -14.27
C LYS A 42 13.36 13.72 -13.06
N ALA A 43 14.59 13.57 -12.57
CA ALA A 43 15.04 14.31 -11.39
C ALA A 43 15.41 15.74 -11.73
N PRO A 44 15.19 16.67 -10.80
CA PRO A 44 15.73 18.01 -11.05
C PRO A 44 17.24 17.98 -11.24
N LYS A 45 17.72 18.84 -12.13
CA LYS A 45 19.15 19.04 -12.40
C LYS A 45 19.52 20.45 -11.96
N LEU A 46 20.55 20.56 -11.12
CA LEU A 46 21.11 21.86 -10.76
C LEU A 46 21.78 22.56 -11.95
N LEU A 47 21.33 23.77 -12.27
CA LEU A 47 21.97 24.55 -13.33
C LEU A 47 22.85 25.67 -12.79
N ILE A 48 22.29 26.45 -11.87
CA ILE A 48 22.96 27.64 -11.37
C ILE A 48 22.76 27.75 -9.88
N TYR A 49 23.78 28.25 -9.19
CA TYR A 49 23.70 28.50 -7.76
C TYR A 49 24.35 29.82 -7.43
N LYS A 50 24.18 30.26 -6.19
CA LYS A 50 24.62 31.59 -5.77
C LYS A 50 24.22 32.65 -6.79
N ALA A 51 23.01 32.53 -7.31
CA ALA A 51 22.38 33.51 -8.19
C ALA A 51 22.92 33.51 -9.62
N SER A 52 24.24 33.38 -9.80
CA SER A 52 24.82 33.54 -11.13
C SER A 52 25.92 32.55 -11.49
N THR A 53 26.27 31.65 -10.59
CA THR A 53 27.33 30.68 -10.88
C THR A 53 26.83 29.45 -11.64
N LEU A 54 27.41 29.25 -12.82
CA LEU A 54 27.05 28.14 -13.69
C LEU A 54 27.72 26.86 -13.23
N LYS A 55 26.94 25.79 -13.03
CA LYS A 55 27.57 24.51 -12.73
C LYS A 55 28.34 23.96 -13.92
N THR A 56 29.50 23.39 -13.64
CA THR A 56 30.36 22.83 -14.67
C THR A 56 29.54 21.88 -15.54
N GLY A 57 29.67 22.02 -16.86
CA GLY A 57 28.98 21.14 -17.79
C GLY A 57 27.74 21.79 -18.38
N VAL A 58 27.24 22.83 -17.71
CA VAL A 58 26.05 23.55 -18.15
C VAL A 58 26.40 24.54 -19.26
N PRO A 59 25.74 24.44 -20.42
CA PRO A 59 26.05 25.33 -21.56
C PRO A 59 25.98 26.82 -21.23
N SER A 60 26.85 27.61 -21.86
CA SER A 60 26.96 29.02 -21.57
C SER A 60 25.74 29.82 -22.02
N ARG A 61 24.81 29.18 -22.73
CA ARG A 61 23.58 29.84 -23.11
C ARG A 61 22.65 30.05 -21.92
N PHE A 62 22.85 29.27 -20.86
CA PHE A 62 22.18 29.50 -19.59
C PHE A 62 22.93 30.56 -18.80
N SER A 63 22.18 31.55 -18.29
CA SER A 63 22.77 32.62 -17.51
C SER A 63 21.83 33.11 -16.43
N GLY A 64 22.39 33.31 -15.23
CA GLY A 64 21.62 33.77 -14.10
C GLY A 64 22.17 35.10 -13.62
N SER A 65 21.27 35.97 -13.21
CA SER A 65 21.63 37.25 -12.65
C SER A 65 20.70 37.61 -11.52
N GLY A 66 21.06 38.64 -10.76
CA GLY A 66 20.17 39.17 -9.75
C GLY A 66 20.77 39.17 -8.36
N SER A 67 20.04 39.81 -7.45
CA SER A 67 20.42 39.86 -6.06
C SER A 67 19.30 40.51 -5.25
N GLY A 68 19.35 40.35 -3.94
CA GLY A 68 18.32 40.86 -3.07
C GLY A 68 16.99 40.16 -3.23
N THR A 69 16.12 40.75 -4.04
CA THR A 69 14.75 40.28 -4.21
C THR A 69 14.41 39.92 -5.65
N GLU A 70 15.25 40.28 -6.61
CA GLU A 70 14.95 40.02 -8.01
C GLU A 70 16.02 39.21 -8.71
N PHE A 71 15.62 38.12 -9.34
CA PHE A 71 16.54 37.22 -10.00
C PHE A 71 16.01 36.83 -11.36
N THR A 72 16.91 36.58 -12.31
CA THR A 72 16.49 36.19 -13.65
C THR A 72 17.31 35.01 -14.15
N LEU A 73 16.65 34.10 -14.85
CA LEU A 73 17.32 33.08 -15.64
C LEU A 73 17.09 33.36 -17.11
N THR A 74 18.18 33.57 -17.86
CA THR A 74 18.08 33.84 -19.29
C THR A 74 18.68 32.69 -20.08
N ILE A 75 17.92 32.17 -21.04
CA ILE A 75 18.44 31.22 -22.01
C ILE A 75 18.55 31.89 -23.39
N SER A 76 19.78 32.04 -23.86
CA SER A 76 20.06 32.64 -25.16
C SER A 76 20.21 31.62 -26.28
N GLY A 77 19.30 31.66 -27.25
CA GLY A 77 19.33 30.68 -28.33
C GLY A 77 18.73 29.37 -27.87
N LEU A 78 17.51 29.47 -27.36
CA LEU A 78 16.74 28.32 -26.90
C LEU A 78 16.84 27.15 -27.88
N GLN A 79 17.21 25.99 -27.35
CA GLN A 79 17.27 24.76 -28.15
C GLN A 79 16.16 23.80 -27.74
N PHE A 80 15.86 22.84 -28.59
CA PHE A 80 14.76 21.93 -28.36
C PHE A 80 14.91 21.24 -27.01
N ASP A 81 16.14 20.92 -26.65
CA ASP A 81 16.39 20.22 -25.39
C ASP A 81 16.14 21.10 -24.17
N ASP A 82 16.00 22.40 -24.39
CA ASP A 82 15.76 23.33 -23.30
C ASP A 82 14.30 23.39 -22.87
N PHE A 83 13.41 22.84 -23.69
CA PHE A 83 12.00 22.80 -23.31
C PHE A 83 11.79 21.85 -22.14
N ALA A 84 11.39 22.44 -21.03
CA ALA A 84 11.34 21.76 -19.76
C ALA A 84 10.75 22.72 -18.74
N THR A 85 10.68 22.29 -17.49
CA THR A 85 10.26 23.16 -16.38
C THR A 85 11.49 23.65 -15.62
N TYR A 86 11.49 24.93 -15.26
CA TYR A 86 12.57 25.54 -14.50
C TYR A 86 12.09 26.02 -13.13
N HIS A 87 12.85 25.68 -12.08
CA HIS A 87 12.52 26.04 -10.71
C HIS A 87 13.59 26.91 -10.08
N CYS A 88 13.22 28.04 -9.48
CA CYS A 88 14.16 28.78 -8.65
C CYS A 88 14.03 28.30 -7.21
N GLN A 89 15.06 28.55 -6.40
CA GLN A 89 15.09 28.05 -5.03
C GLN A 89 15.89 28.96 -4.12
N HIS A 90 15.27 29.42 -3.04
CA HIS A 90 16.01 30.01 -1.94
C HIS A 90 16.50 28.88 -1.06
N TYR A 91 17.82 28.73 -0.91
CA TYR A 91 18.38 27.70 -0.03
C TYR A 91 19.10 28.27 1.17
N ALA A 92 18.73 27.76 2.35
CA ALA A 92 19.37 28.11 3.62
C ALA A 92 20.00 26.84 4.18
N GLY A 93 20.72 26.94 5.30
CA GLY A 93 21.44 25.81 5.83
C GLY A 93 20.61 24.55 6.03
N TYR A 94 19.42 24.72 6.58
CA TYR A 94 18.52 23.63 7.00
C TYR A 94 17.10 23.74 6.49
N SER A 95 16.91 24.53 5.45
CA SER A 95 15.62 24.61 4.80
C SER A 95 15.74 25.28 3.45
N ALA A 96 14.66 25.22 2.69
CA ALA A 96 14.61 25.82 1.37
C ALA A 96 13.20 26.24 1.02
N THR A 97 13.08 27.07 -0.01
CA THR A 97 11.78 27.46 -0.54
C THR A 97 11.91 27.47 -2.07
N PHE A 98 10.92 26.89 -2.76
CA PHE A 98 10.91 26.90 -4.22
C PHE A 98 9.87 27.86 -4.78
N GLY A 99 10.10 28.34 -5.99
CA GLY A 99 9.05 29.03 -6.72
C GLY A 99 8.02 28.01 -7.17
N GLN A 100 6.97 28.48 -7.85
CA GLN A 100 5.93 27.57 -8.32
C GLN A 100 6.37 26.82 -9.57
N GLY A 101 7.51 27.22 -10.13
CA GLY A 101 8.00 26.63 -11.36
C GLY A 101 7.55 27.39 -12.60
N THR A 102 8.37 27.35 -13.65
CA THR A 102 7.99 27.92 -14.94
C THR A 102 8.17 26.86 -16.03
N ARG A 103 7.09 26.54 -16.71
CA ARG A 103 7.17 25.60 -17.82
C ARG A 103 7.40 26.34 -19.13
N VAL A 104 8.49 25.99 -19.82
CA VAL A 104 8.79 26.56 -21.12
C VAL A 104 8.27 25.60 -22.19
N GLU A 105 7.38 26.10 -23.04
CA GLU A 105 6.73 25.30 -24.07
C GLU A 105 6.91 25.91 -25.45
N ILE A 106 6.59 25.14 -26.49
CA ILE A 106 6.65 25.67 -27.85
C ILE A 106 5.46 26.59 -28.09
N LYS A 107 5.76 27.82 -28.53
CA LYS A 107 4.71 28.80 -28.81
C LYS A 107 3.92 28.41 -30.06
N ARG A 108 2.60 28.57 -29.98
CA ARG A 108 1.74 28.47 -31.17
C ARG A 108 0.44 29.22 -30.94
N THR A 109 -0.40 29.26 -31.97
CA THR A 109 -1.68 29.96 -31.89
C THR A 109 -2.70 29.19 -31.06
N VAL A 110 -3.57 29.92 -30.39
CA VAL A 110 -4.67 29.36 -29.62
C VAL A 110 -5.50 28.40 -30.48
N ALA A 111 -5.87 27.27 -29.89
CA ALA A 111 -6.65 26.25 -30.58
C ALA A 111 -7.67 25.62 -29.64
N ALA A 112 -8.96 25.77 -29.97
CA ALA A 112 -10.02 25.20 -29.18
C ALA A 112 -9.96 23.67 -29.27
N PRO A 113 -10.32 22.97 -28.19
CA PRO A 113 -10.38 21.51 -28.23
C PRO A 113 -11.54 20.95 -29.05
N SER A 114 -11.37 19.74 -29.59
CA SER A 114 -12.50 18.96 -30.03
C SER A 114 -12.91 18.04 -28.88
N VAL A 115 -14.20 18.02 -28.55
CA VAL A 115 -14.67 17.28 -27.38
C VAL A 115 -15.52 16.08 -27.75
N PHE A 116 -15.22 14.95 -27.13
CA PHE A 116 -15.92 13.69 -27.39
C PHE A 116 -16.25 13.04 -26.05
N ILE A 117 -17.40 12.39 -25.98
CA ILE A 117 -17.79 11.68 -24.78
C ILE A 117 -18.09 10.22 -25.14
N PHE A 118 -17.76 9.31 -24.23
CA PHE A 118 -17.90 7.87 -24.47
C PHE A 118 -18.65 7.22 -23.32
N PRO A 119 -19.84 6.66 -23.59
CA PRO A 119 -20.49 5.91 -22.52
C PRO A 119 -19.65 4.70 -22.16
N PRO A 120 -19.96 4.04 -21.03
CA PRO A 120 -19.22 2.83 -20.69
C PRO A 120 -19.56 1.70 -21.66
N SER A 121 -18.62 0.81 -21.93
CA SER A 121 -18.92 -0.32 -22.78
C SER A 121 -19.85 -1.28 -22.04
N ASP A 122 -20.69 -1.99 -22.78
CA ASP A 122 -21.59 -2.97 -22.19
C ASP A 122 -20.80 -4.03 -21.44
N GLU A 123 -19.68 -4.43 -22.03
CA GLU A 123 -18.83 -5.43 -21.42
C GLU A 123 -18.34 -5.02 -20.04
N GLN A 124 -17.84 -3.79 -19.90
CA GLN A 124 -17.39 -3.31 -18.60
C GLN A 124 -18.57 -3.22 -17.64
N LEU A 125 -19.65 -2.62 -18.12
CA LEU A 125 -20.85 -2.43 -17.33
C LEU A 125 -21.31 -3.73 -16.70
N LYS A 126 -21.35 -4.77 -17.52
CA LYS A 126 -21.77 -6.09 -17.08
C LYS A 126 -20.88 -6.57 -15.92
N SER A 127 -19.59 -6.25 -16.01
CA SER A 127 -18.62 -6.61 -14.95
C SER A 127 -18.79 -5.81 -13.65
N GLY A 128 -19.73 -4.85 -13.64
CA GLY A 128 -20.04 -4.12 -12.42
C GLY A 128 -19.44 -2.73 -12.24
N THR A 129 -18.89 -2.18 -13.30
CA THR A 129 -18.23 -0.87 -13.23
C THR A 129 -18.56 -0.03 -14.46
N ALA A 130 -18.72 1.27 -14.26
CA ALA A 130 -19.04 2.18 -15.36
C ALA A 130 -17.96 3.25 -15.44
N SER A 131 -17.13 3.18 -16.48
CA SER A 131 -16.19 4.25 -16.75
C SER A 131 -16.74 5.12 -17.86
N VAL A 132 -16.87 6.41 -17.61
CA VAL A 132 -17.31 7.35 -18.63
C VAL A 132 -16.11 8.23 -18.97
N VAL A 133 -15.79 8.34 -20.27
CA VAL A 133 -14.58 9.02 -20.68
C VAL A 133 -14.87 10.26 -21.52
N CYS A 134 -14.24 11.37 -21.14
CA CYS A 134 -14.35 12.63 -21.87
C CYS A 134 -13.00 12.97 -22.49
N LEU A 135 -12.98 13.18 -23.80
CA LEU A 135 -11.74 13.48 -24.52
C LEU A 135 -11.69 14.92 -25.02
N LEU A 136 -10.63 15.65 -24.65
CA LEU A 136 -10.35 16.97 -25.22
C LEU A 136 -9.17 16.84 -26.16
N ASN A 137 -9.39 17.08 -27.44
CA ASN A 137 -8.40 16.76 -28.46
C ASN A 137 -7.72 17.97 -29.08
N ASN A 138 -6.38 17.96 -29.03
CA ASN A 138 -5.55 18.90 -29.76
C ASN A 138 -5.91 20.36 -29.50
N PHE A 139 -5.65 20.83 -28.29
CA PHE A 139 -5.94 22.22 -27.92
C PHE A 139 -4.68 22.94 -27.49
N TYR A 140 -4.71 24.25 -27.49
CA TYR A 140 -3.59 25.02 -27.07
C TYR A 140 -4.09 26.32 -26.51
N PRO A 141 -3.62 26.77 -25.39
CA PRO A 141 -2.70 26.35 -24.37
C PRO A 141 -3.30 25.22 -23.58
N ARG A 142 -2.47 24.66 -22.79
CA ARG A 142 -2.79 23.54 -22.01
C ARG A 142 -3.84 23.74 -20.98
N GLU A 143 -4.01 24.91 -20.47
CA GLU A 143 -5.02 25.11 -19.43
C GLU A 143 -6.43 24.85 -19.94
N ALA A 144 -7.11 23.90 -19.32
CA ALA A 144 -8.51 23.60 -19.66
C ALA A 144 -9.23 23.15 -18.41
N LYS A 145 -10.53 23.43 -18.33
CA LYS A 145 -11.34 22.98 -17.22
C LYS A 145 -12.39 22.01 -17.73
N VAL A 146 -12.51 20.88 -17.05
CA VAL A 146 -13.49 19.85 -17.38
C VAL A 146 -14.33 19.55 -16.15
N GLN A 147 -15.65 19.70 -16.27
CA GLN A 147 -16.55 19.38 -15.16
C GLN A 147 -17.56 18.32 -15.59
N TRP A 148 -17.72 17.30 -14.77
CA TRP A 148 -18.72 16.29 -14.98
C TRP A 148 -20.03 16.69 -14.31
N LYS A 149 -21.14 16.47 -15.01
CA LYS A 149 -22.47 16.64 -14.43
C LYS A 149 -23.31 15.42 -14.74
N VAL A 150 -23.94 14.88 -13.69
CA VAL A 150 -24.83 13.74 -13.79
C VAL A 150 -26.22 14.20 -13.40
N ASP A 151 -27.13 14.24 -14.37
CA ASP A 151 -28.44 14.86 -14.18
C ASP A 151 -28.29 16.26 -13.62
N ASN A 152 -27.37 17.02 -14.22
CA ASN A 152 -27.15 18.44 -13.89
C ASN A 152 -26.47 18.68 -12.55
N ALA A 153 -26.18 17.62 -11.81
CA ALA A 153 -25.46 17.74 -10.55
C ALA A 153 -23.95 17.69 -10.78
N LEU A 154 -23.26 18.75 -10.40
CA LEU A 154 -21.82 18.79 -10.54
C LEU A 154 -21.17 17.69 -9.70
N GLN A 155 -20.24 16.97 -10.31
CA GLN A 155 -19.55 15.87 -9.66
C GLN A 155 -18.25 16.33 -9.05
N SER A 156 -17.89 15.72 -7.92
CA SER A 156 -16.59 15.94 -7.31
C SER A 156 -16.07 14.65 -6.70
N GLY A 157 -14.77 14.42 -6.84
CA GLY A 157 -14.13 13.30 -6.16
C GLY A 157 -14.23 11.96 -6.84
N ASN A 158 -14.82 11.89 -8.02
CA ASN A 158 -14.98 10.61 -8.72
C ASN A 158 -14.47 10.60 -10.15
N SER A 159 -13.54 11.48 -10.45
CA SER A 159 -12.91 11.52 -11.77
C SER A 159 -11.41 11.76 -11.67
N GLN A 160 -10.68 11.32 -12.70
CA GLN A 160 -9.24 11.54 -12.81
C GLN A 160 -8.91 12.04 -14.20
N GLU A 161 -7.94 12.95 -14.31
CA GLU A 161 -7.54 13.47 -15.62
C GLU A 161 -6.12 13.05 -15.97
N SER A 162 -5.84 13.00 -17.26
CA SER A 162 -4.51 12.75 -17.77
C SER A 162 -4.28 13.66 -18.99
N VAL A 163 -3.14 14.33 -19.04
CA VAL A 163 -2.78 15.19 -20.18
C VAL A 163 -1.55 14.67 -20.93
N THR A 164 -1.57 14.76 -22.25
CA THR A 164 -0.42 14.35 -23.05
C THR A 164 0.63 15.45 -23.04
N GLU A 165 1.87 15.10 -23.38
CA GLU A 165 2.86 16.14 -23.61
C GLU A 165 2.59 16.83 -24.94
N GLN A 166 3.21 17.99 -25.12
CA GLN A 166 3.02 18.79 -26.34
C GLN A 166 3.30 17.91 -27.56
N ASP A 167 2.39 17.94 -28.53
CA ASP A 167 2.52 17.07 -29.70
C ASP A 167 3.66 17.53 -30.59
N SER A 168 4.51 16.57 -30.97
CA SER A 168 5.70 16.85 -31.76
C SER A 168 5.40 17.55 -33.09
N LYS A 169 4.17 17.40 -33.58
CA LYS A 169 3.83 17.90 -34.91
C LYS A 169 3.05 19.22 -34.91
N ASP A 170 1.99 19.34 -34.11
CA ASP A 170 1.20 20.57 -34.11
C ASP A 170 1.30 21.37 -32.81
N SER A 171 2.14 20.88 -31.89
CA SER A 171 2.39 21.58 -30.63
C SER A 171 1.16 21.75 -29.73
N THR A 172 0.11 20.97 -29.99
CA THR A 172 -1.10 21.04 -29.17
C THR A 172 -1.07 20.04 -28.04
N TYR A 173 -2.02 20.15 -27.11
CA TYR A 173 -2.19 19.18 -26.05
C TYR A 173 -3.51 18.43 -26.19
N SER A 174 -3.57 17.25 -25.58
CA SER A 174 -4.81 16.51 -25.47
C SER A 174 -4.99 16.03 -24.04
N LEU A 175 -6.24 15.84 -23.64
CA LEU A 175 -6.57 15.52 -22.26
C LEU A 175 -7.67 14.48 -22.20
N SER A 176 -7.57 13.61 -21.20
CA SER A 176 -8.57 12.58 -20.99
C SER A 176 -9.05 12.68 -19.55
N SER A 177 -10.37 12.70 -19.37
CA SER A 177 -10.97 12.66 -18.05
C SER A 177 -11.87 11.43 -17.96
N THR A 178 -11.71 10.68 -16.88
CA THR A 178 -12.54 9.50 -16.65
C THR A 178 -13.37 9.63 -15.38
N LEU A 179 -14.69 9.55 -15.54
CA LEU A 179 -15.61 9.48 -14.41
C LEU A 179 -15.89 8.01 -14.11
N THR A 180 -15.65 7.58 -12.87
CA THR A 180 -15.87 6.18 -12.51
C THR A 180 -16.99 6.01 -11.47
N LEU A 181 -17.97 5.18 -11.83
CA LEU A 181 -19.09 4.84 -10.97
C LEU A 181 -19.31 3.34 -10.88
N SER A 182 -19.88 2.87 -9.78
CA SER A 182 -20.36 1.51 -9.69
C SER A 182 -21.51 1.32 -10.68
N LYS A 183 -21.67 0.11 -11.19
CA LYS A 183 -22.82 -0.23 -12.02
C LYS A 183 -24.13 0.27 -11.42
N ALA A 184 -24.30 0.05 -10.12
CA ALA A 184 -25.52 0.43 -9.42
C ALA A 184 -25.76 1.94 -9.39
N ASP A 185 -24.73 2.69 -9.03
CA ASP A 185 -24.79 4.15 -9.07
C ASP A 185 -25.11 4.63 -10.47
N TYR A 186 -24.37 4.14 -11.45
CA TYR A 186 -24.52 4.57 -12.82
C TYR A 186 -25.97 4.47 -13.31
N GLU A 187 -26.65 3.42 -12.87
CA GLU A 187 -28.00 3.14 -13.30
C GLU A 187 -29.08 3.96 -12.57
N LYS A 188 -28.66 4.74 -11.57
CA LYS A 188 -29.59 5.65 -10.88
C LYS A 188 -29.82 6.97 -11.61
N HIS A 189 -29.12 7.20 -12.71
CA HIS A 189 -29.17 8.50 -13.40
C HIS A 189 -29.33 8.33 -14.90
N LYS A 190 -29.73 9.42 -15.55
CA LYS A 190 -30.03 9.40 -16.97
C LYS A 190 -29.00 10.13 -17.82
N VAL A 191 -28.79 11.41 -17.53
CA VAL A 191 -27.96 12.25 -18.38
C VAL A 191 -26.54 12.40 -17.86
N TYR A 192 -25.56 12.03 -18.69
CA TYR A 192 -24.15 12.17 -18.32
C TYR A 192 -23.53 13.20 -19.25
N ALA A 193 -22.82 14.16 -18.67
CA ALA A 193 -22.24 15.25 -19.45
C ALA A 193 -20.88 15.70 -18.94
N CYS A 194 -19.99 16.09 -19.85
CA CYS A 194 -18.76 16.77 -19.47
C CYS A 194 -18.81 18.16 -20.10
N GLU A 195 -18.47 19.16 -19.30
CA GLU A 195 -18.52 20.56 -19.70
C GLU A 195 -17.11 21.11 -19.74
N VAL A 196 -16.72 21.59 -20.92
CA VAL A 196 -15.35 22.01 -21.18
C VAL A 196 -15.24 23.52 -21.35
N THR A 197 -14.34 24.10 -20.57
CA THR A 197 -14.02 25.51 -20.64
C THR A 197 -12.58 25.65 -21.10
N HIS A 198 -12.35 26.57 -22.04
CA HIS A 198 -11.03 26.75 -22.61
C HIS A 198 -10.97 28.12 -23.28
N GLN A 199 -9.79 28.73 -23.29
CA GLN A 199 -9.63 30.10 -23.76
C GLN A 199 -9.99 30.29 -25.24
N GLY A 200 -9.88 29.22 -26.02
CA GLY A 200 -10.17 29.26 -27.45
C GLY A 200 -11.62 29.05 -27.80
N LEU A 201 -12.42 28.62 -26.83
CA LEU A 201 -13.83 28.40 -27.07
C LEU A 201 -14.57 29.68 -26.74
N SER A 202 -15.46 30.11 -27.62
CA SER A 202 -16.26 31.30 -27.35
C SER A 202 -17.03 31.17 -26.03
N SER A 203 -17.59 29.99 -25.79
CA SER A 203 -18.23 29.66 -24.51
C SER A 203 -18.08 28.17 -24.23
N PRO A 204 -18.54 27.70 -23.06
CA PRO A 204 -18.22 26.31 -22.76
C PRO A 204 -18.91 25.32 -23.70
N VAL A 205 -18.26 24.19 -23.97
CA VAL A 205 -18.87 23.15 -24.77
C VAL A 205 -19.26 22.00 -23.86
N THR A 206 -20.51 21.55 -24.00
CA THR A 206 -21.01 20.44 -23.19
C THR A 206 -21.37 19.30 -24.11
N LYS A 207 -20.76 18.13 -23.89
CA LYS A 207 -21.10 16.94 -24.65
C LYS A 207 -21.85 16.05 -23.67
N SER A 208 -22.94 15.43 -24.10
CA SER A 208 -23.75 14.61 -23.20
C SER A 208 -24.40 13.41 -23.89
N PHE A 209 -24.79 12.41 -23.11
CA PHE A 209 -25.59 11.30 -23.62
C PHE A 209 -26.57 10.83 -22.55
N ASN A 210 -27.63 10.16 -23.00
CA ASN A 210 -28.59 9.53 -22.08
C ASN A 210 -28.28 8.06 -21.92
N ARG A 211 -28.20 7.59 -20.69
CA ARG A 211 -27.97 6.18 -20.44
C ARG A 211 -29.08 5.36 -21.09
N GLY A 212 -28.72 4.31 -21.80
CA GLY A 212 -29.70 3.49 -22.50
C GLY A 212 -30.07 3.94 -23.90
N GLU A 213 -29.66 5.16 -24.26
CA GLU A 213 -29.73 5.73 -25.63
C GLU A 213 -30.98 6.60 -25.77
N GLU B 1 29.18 10.19 -11.11
CA GLU B 1 29.51 9.15 -10.11
C GLU B 1 28.43 9.04 -9.04
N VAL B 2 28.20 10.15 -8.37
CA VAL B 2 27.25 10.23 -7.27
C VAL B 2 25.77 9.88 -7.53
N GLN B 3 25.23 8.91 -6.79
CA GLN B 3 23.86 8.52 -6.97
C GLN B 3 23.06 8.42 -5.69
N LEU B 4 21.75 8.59 -5.80
CA LEU B 4 20.83 8.49 -4.70
C LEU B 4 19.65 7.67 -5.22
N VAL B 5 19.03 6.85 -4.39
CA VAL B 5 17.87 6.08 -4.79
C VAL B 5 16.82 5.94 -3.69
N GLU B 6 15.58 6.29 -3.99
CA GLU B 6 14.52 6.20 -3.00
C GLU B 6 13.77 4.88 -3.09
N SER B 7 13.30 4.37 -1.95
CA SER B 7 12.46 3.18 -1.89
C SER B 7 11.26 3.48 -1.00
N GLY B 8 10.15 2.77 -1.22
CA GLY B 8 9.07 2.79 -0.25
C GLY B 8 7.79 3.47 -0.71
N GLY B 9 7.83 4.18 -1.82
CA GLY B 9 6.65 4.82 -2.35
C GLY B 9 5.50 3.85 -2.48
N GLY B 10 4.28 4.36 -2.49
CA GLY B 10 3.12 3.50 -2.61
C GLY B 10 1.81 4.24 -2.48
N LEU B 11 0.74 3.45 -2.43
CA LEU B 11 -0.60 3.99 -2.28
C LEU B 11 -1.02 3.80 -0.82
N VAL B 12 -1.42 4.88 -0.18
CA VAL B 12 -1.88 4.82 1.20
C VAL B 12 -3.20 5.57 1.35
N LYS B 13 -4.07 5.09 2.24
CA LYS B 13 -5.33 5.78 2.50
C LYS B 13 -5.13 6.93 3.47
N ALA B 14 -5.87 8.01 3.25
CA ALA B 14 -5.83 9.19 4.10
C ALA B 14 -5.81 8.79 5.57
N GLY B 15 -4.98 9.47 6.34
CA GLY B 15 -4.85 9.18 7.76
C GLY B 15 -3.81 8.11 8.02
N GLY B 16 -3.40 7.42 6.97
CA GLY B 16 -2.46 6.32 7.08
C GLY B 16 -1.01 6.76 7.25
N SER B 17 -0.12 5.77 7.25
CA SER B 17 1.31 5.99 7.45
C SER B 17 2.13 5.34 6.34
N LEU B 18 3.30 5.90 6.07
CA LEU B 18 4.19 5.38 5.05
C LEU B 18 5.62 5.82 5.34
N ILE B 19 6.57 4.90 5.21
CA ILE B 19 7.97 5.21 5.47
C ILE B 19 8.79 5.07 4.20
N LEU B 20 9.61 6.07 3.91
CA LEU B 20 10.49 6.04 2.74
C LEU B 20 11.93 5.94 3.16
N SER B 21 12.78 5.39 2.29
CA SER B 21 14.22 5.35 2.54
C SER B 21 14.97 5.83 1.32
N CYS B 22 16.24 6.12 1.53
CA CYS B 22 17.10 6.64 0.48
C CYS B 22 18.47 6.03 0.68
N GLY B 23 19.03 5.47 -0.39
CA GLY B 23 20.38 4.92 -0.35
C GLY B 23 21.25 5.70 -1.31
N VAL B 24 22.56 5.54 -1.22
CA VAL B 24 23.50 6.24 -2.09
C VAL B 24 24.61 5.38 -2.68
N SER B 25 25.30 5.94 -3.67
CA SER B 25 26.50 5.32 -4.24
C SER B 25 27.61 6.35 -4.46
N ASN B 26 28.85 5.95 -4.19
CA ASN B 26 30.05 6.74 -4.47
C ASN B 26 30.23 8.00 -3.61
N PHE B 27 29.52 8.08 -2.50
CA PHE B 27 29.87 9.03 -1.45
C PHE B 27 29.27 8.59 -0.13
N ARG B 28 29.73 9.18 0.96
CA ARG B 28 29.17 8.89 2.28
C ARG B 28 28.26 10.06 2.63
N ILE B 29 27.13 9.79 3.26
CA ILE B 29 26.22 10.85 3.65
C ILE B 29 26.67 11.67 4.85
N SER B 30 27.55 11.09 5.66
CA SER B 30 27.91 11.64 6.98
C SER B 30 28.19 13.13 7.02
N ALA B 31 28.90 13.66 6.03
CA ALA B 31 29.27 15.07 6.02
C ALA B 31 28.21 15.95 5.40
N HIS B 32 27.10 15.35 4.96
CA HIS B 32 26.09 16.07 4.19
C HIS B 32 24.79 16.24 4.94
N THR B 33 24.22 17.43 4.87
CA THR B 33 22.84 17.64 5.26
C THR B 33 21.99 17.00 4.17
N MET B 34 21.09 16.09 4.57
CA MET B 34 20.28 15.34 3.61
C MET B 34 18.85 15.83 3.64
N ASN B 35 18.21 15.80 2.53
CA ASN B 35 16.92 16.39 2.42
C ASN B 35 15.85 15.60 1.67
N TRP B 36 14.61 15.95 1.90
CA TRP B 36 13.51 15.39 1.16
C TRP B 36 12.76 16.52 0.45
N VAL B 37 12.41 16.28 -0.80
CA VAL B 37 11.70 17.26 -1.62
C VAL B 37 10.63 16.51 -2.38
N ARG B 38 9.52 17.17 -2.65
CA ARG B 38 8.46 16.52 -3.40
C ARG B 38 7.94 17.41 -4.52
N ARG B 39 7.54 16.79 -5.62
CA ARG B 39 6.97 17.50 -6.76
C ARG B 39 5.49 17.17 -6.79
N VAL B 40 4.66 18.18 -6.55
CA VAL B 40 3.22 17.98 -6.45
C VAL B 40 2.61 17.98 -7.84
N PRO B 41 1.39 17.44 -7.99
CA PRO B 41 0.82 17.25 -9.33
C PRO B 41 0.76 18.54 -10.16
N GLY B 42 0.66 19.68 -9.49
CA GLY B 42 0.67 20.96 -10.18
C GLY B 42 1.96 21.22 -10.95
N GLY B 43 3.06 20.60 -10.50
CA GLY B 43 4.33 20.67 -11.21
C GLY B 43 5.45 21.31 -10.40
N GLY B 44 5.09 22.06 -9.37
CA GLY B 44 6.06 22.75 -8.53
C GLY B 44 6.75 21.86 -7.52
N LEU B 45 7.95 22.26 -7.10
CA LEU B 45 8.67 21.55 -6.04
C LEU B 45 8.36 22.15 -4.68
N GLU B 46 8.34 21.28 -3.66
CA GLU B 46 8.19 21.71 -2.28
C GLU B 46 9.26 21.10 -1.40
N TRP B 47 10.00 21.93 -0.68
CA TRP B 47 10.92 21.41 0.33
C TRP B 47 10.10 20.75 1.44
N VAL B 48 10.55 19.58 1.89
CA VAL B 48 9.77 18.78 2.84
C VAL B 48 10.48 18.63 4.18
N ALA B 49 11.74 18.22 4.15
CA ALA B 49 12.48 18.04 5.38
C ALA B 49 14.00 18.08 5.18
N SER B 50 14.70 18.38 6.26
CA SER B 50 16.17 18.44 6.26
C SER B 50 16.65 17.82 7.55
N ILE B 51 17.74 17.07 7.45
CA ILE B 51 18.36 16.42 8.60
C ILE B 51 19.85 16.76 8.54
N SER B 52 20.34 17.58 9.48
CA SER B 52 21.75 17.98 9.48
C SER B 52 22.71 16.88 9.93
N THR B 53 24.00 17.19 9.81
CA THR B 53 25.06 16.28 10.20
C THR B 53 24.88 15.98 11.69
N SER B 54 25.27 14.78 12.09
CA SER B 54 25.18 14.25 13.46
C SER B 54 23.75 14.11 14.00
N SER B 55 22.78 14.38 13.13
CA SER B 55 21.32 14.34 13.37
C SER B 55 20.85 15.29 14.45
N THR B 56 21.67 16.26 14.79
CA THR B 56 21.37 17.25 15.82
C THR B 56 20.18 18.18 15.58
N TYR B 57 20.03 18.65 14.33
CA TYR B 57 18.94 19.55 13.97
C TYR B 57 18.16 19.00 12.78
N ARG B 58 16.84 19.00 12.93
CA ARG B 58 15.86 18.66 11.92
C ARG B 58 14.77 19.70 11.63
N ASP B 59 14.55 20.09 10.38
CA ASP B 59 13.56 21.13 10.08
C ASP B 59 12.56 20.63 9.00
N TYR B 60 11.30 21.04 9.13
CA TYR B 60 10.24 20.56 8.23
C TYR B 60 9.42 21.72 7.68
N ALA B 61 8.85 21.53 6.50
CA ALA B 61 7.86 22.45 5.96
C ALA B 61 6.64 22.48 6.87
N ASP B 62 6.05 23.66 7.02
CA ASP B 62 4.91 23.83 7.91
C ASP B 62 3.78 22.85 7.63
N ALA B 63 3.52 22.59 6.35
CA ALA B 63 2.44 21.70 5.97
C ALA B 63 2.57 20.29 6.55
N VAL B 64 3.80 19.86 6.86
CA VAL B 64 4.02 18.51 7.37
C VAL B 64 4.57 18.45 8.78
N LYS B 65 4.92 19.61 9.34
CA LYS B 65 5.43 19.65 10.70
C LYS B 65 4.47 18.99 11.67
N GLY B 66 5.04 18.19 12.58
CA GLY B 66 4.25 17.46 13.54
C GLY B 66 3.83 16.09 13.03
N ARG B 67 3.87 15.89 11.70
CA ARG B 67 3.44 14.64 11.08
C ARG B 67 4.60 13.86 10.48
N PHE B 68 5.65 14.54 10.01
CA PHE B 68 6.77 13.85 9.38
C PHE B 68 8.01 13.92 10.27
N THR B 69 8.82 12.87 10.22
CA THR B 69 10.14 12.85 10.88
C THR B 69 11.18 12.33 9.90
N VAL B 70 12.32 13.00 9.80
CA VAL B 70 13.42 12.49 9.00
C VAL B 70 14.51 11.91 9.90
N SER B 71 15.13 10.83 9.44
CA SER B 71 16.20 10.17 10.18
C SER B 71 17.34 9.83 9.23
N ARG B 72 18.53 9.65 9.78
CA ARG B 72 19.70 9.26 9.02
C ARG B 72 20.49 8.13 9.69
N ASP B 73 21.12 7.31 8.86
CA ASP B 73 21.93 6.18 9.34
C ASP B 73 23.30 6.33 8.65
N ASP B 74 24.20 7.07 9.28
CA ASP B 74 25.51 7.36 8.70
C ASP B 74 26.39 6.14 8.43
N LEU B 75 26.33 5.13 9.29
CA LEU B 75 27.23 3.98 9.15
C LEU B 75 26.93 3.16 7.90
N GLU B 76 25.66 3.11 7.53
CA GLU B 76 25.26 2.38 6.32
C GLU B 76 24.73 3.29 5.22
N ASP B 77 24.78 4.59 5.46
CA ASP B 77 24.38 5.57 4.45
C ASP B 77 22.92 5.48 4.00
N PHE B 78 22.00 5.60 4.96
CA PHE B 78 20.59 5.65 4.62
C PHE B 78 19.95 6.86 5.27
N VAL B 79 18.90 7.35 4.61
CA VAL B 79 18.05 8.40 5.16
C VAL B 79 16.62 7.89 5.11
N TYR B 80 15.83 8.25 6.12
CA TYR B 80 14.44 7.82 6.20
C TYR B 80 13.48 8.99 6.29
N LEU B 81 12.27 8.80 5.76
CA LEU B 81 11.17 9.75 5.98
C LEU B 81 9.92 9.02 6.45
N GLN B 82 9.54 9.24 7.71
CA GLN B 82 8.26 8.75 8.21
C GLN B 82 7.18 9.76 7.94
N MET B 83 6.07 9.30 7.40
CA MET B 83 4.92 10.14 7.15
C MET B 83 3.72 9.55 7.89
N HIS B 84 3.12 10.33 8.79
CA HIS B 84 1.92 9.91 9.51
C HIS B 84 0.78 10.88 9.25
N LYS B 85 -0.43 10.51 9.69
CA LYS B 85 -1.61 11.34 9.51
C LYS B 85 -1.64 11.88 8.08
N MET B 86 -1.39 11.03 7.09
CA MET B 86 -1.19 11.54 5.73
C MET B 86 -2.47 12.07 5.09
N ARG B 87 -2.28 13.09 4.24
CA ARG B 87 -3.38 13.80 3.60
C ARG B 87 -3.26 13.71 2.10
N VAL B 88 -4.35 13.99 1.41
CA VAL B 88 -4.37 13.98 -0.04
C VAL B 88 -3.27 14.86 -0.64
N GLU B 89 -3.05 16.03 -0.06
CA GLU B 89 -2.06 16.98 -0.60
C GLU B 89 -0.62 16.53 -0.36
N ASP B 90 -0.44 15.39 0.32
CA ASP B 90 0.88 14.77 0.43
C ASP B 90 1.19 13.96 -0.83
N THR B 91 0.18 13.79 -1.68
CA THR B 91 0.37 13.08 -2.95
C THR B 91 1.40 13.81 -3.79
N ALA B 92 2.47 13.11 -4.16
CA ALA B 92 3.58 13.73 -4.87
C ALA B 92 4.66 12.71 -5.19
N ILE B 93 5.62 13.13 -6.02
CA ILE B 93 6.83 12.35 -6.23
C ILE B 93 7.83 12.84 -5.20
N TYR B 94 8.37 11.93 -4.39
CA TYR B 94 9.33 12.30 -3.34
C TYR B 94 10.77 12.03 -3.76
N TYR B 95 11.62 13.03 -3.61
CA TYR B 95 13.03 12.91 -3.94
C TYR B 95 13.89 13.04 -2.70
N CYS B 96 14.95 12.24 -2.67
CA CYS B 96 16.01 12.40 -1.69
C CYS B 96 17.13 13.23 -2.33
N ALA B 97 17.58 14.26 -1.62
CA ALA B 97 18.57 15.19 -2.14
C ALA B 97 19.59 15.58 -1.07
N ARG B 98 20.84 15.78 -1.49
CA ARG B 98 21.91 16.20 -0.60
C ARG B 98 22.31 17.65 -0.86
N LYS B 99 22.72 18.35 0.18
CA LYS B 99 23.37 19.66 0.02
C LYS B 99 24.86 19.39 -0.13
N GLY B 100 25.45 19.91 -1.19
CA GLY B 100 26.84 19.63 -1.46
C GLY B 100 27.51 20.56 -2.44
N SER B 101 28.85 20.55 -2.39
CA SER B 101 29.69 21.29 -3.32
C SER B 101 31.07 20.64 -3.30
N ASP B 102 31.93 21.04 -4.24
CA ASP B 102 33.28 20.50 -4.33
C ASP B 102 34.01 20.69 -2.99
N ARG B 103 33.79 21.83 -2.37
CA ARG B 103 34.17 22.04 -0.97
C ARG B 103 32.93 22.37 -0.16
N LEU B 104 32.66 21.59 0.88
CA LEU B 104 31.45 21.81 1.67
C LEU B 104 31.53 23.14 2.41
N SER B 105 30.47 23.94 2.28
CA SER B 105 30.33 25.18 3.03
C SER B 105 29.11 25.11 3.93
N ASP B 106 28.90 26.17 4.71
CA ASP B 106 27.75 26.28 5.59
C ASP B 106 26.41 26.38 4.83
N ASN B 107 26.45 26.57 3.52
CA ASN B 107 25.20 26.65 2.76
C ASN B 107 25.39 26.35 1.27
N ASP B 108 25.23 25.08 0.90
CA ASP B 108 25.37 24.65 -0.49
C ASP B 108 24.03 24.24 -1.07
N PRO B 109 23.90 24.30 -2.41
CA PRO B 109 22.64 23.93 -3.07
C PRO B 109 22.44 22.42 -3.11
N PHE B 110 21.31 21.99 -3.66
CA PHE B 110 21.04 20.57 -3.83
C PHE B 110 21.73 20.09 -5.09
N ASP B 111 22.92 19.53 -4.96
CA ASP B 111 23.73 19.17 -6.11
C ASP B 111 23.50 17.75 -6.64
N ALA B 112 22.89 16.89 -5.82
CA ALA B 112 22.58 15.52 -6.26
C ALA B 112 21.21 15.08 -5.80
N TRP B 113 20.43 14.51 -6.72
CA TRP B 113 19.06 14.09 -6.47
C TRP B 113 18.85 12.64 -6.88
N GLY B 114 17.95 11.95 -6.17
CA GLY B 114 17.48 10.65 -6.59
C GLY B 114 16.43 10.79 -7.69
N PRO B 115 16.09 9.69 -8.38
CA PRO B 115 15.12 9.73 -9.48
C PRO B 115 13.70 10.01 -9.00
N GLY B 116 13.42 9.70 -7.74
CA GLY B 116 12.12 9.95 -7.15
C GLY B 116 11.32 8.68 -6.94
N THR B 117 10.38 8.73 -6.00
CA THR B 117 9.47 7.64 -5.73
C THR B 117 8.06 8.20 -5.56
N VAL B 118 7.08 7.55 -6.18
CA VAL B 118 5.72 8.08 -6.22
C VAL B 118 4.94 7.69 -4.99
N VAL B 119 4.39 8.70 -4.31
CA VAL B 119 3.53 8.51 -3.16
C VAL B 119 2.14 9.01 -3.48
N THR B 120 1.13 8.17 -3.24
CA THR B 120 -0.25 8.52 -3.56
C THR B 120 -1.14 8.32 -2.34
N VAL B 121 -1.84 9.37 -1.95
CA VAL B 121 -2.80 9.29 -0.84
C VAL B 121 -4.23 9.34 -1.35
N SER B 122 -4.97 8.23 -1.26
CA SER B 122 -6.37 8.27 -1.64
C SER B 122 -7.21 8.99 -0.57
N PRO B 123 -8.30 9.65 -1.00
CA PRO B 123 -9.02 10.59 -0.13
C PRO B 123 -9.83 9.93 1.00
N ALA B 124 -10.41 8.76 0.73
CA ALA B 124 -11.23 8.11 1.74
C ALA B 124 -10.38 7.40 2.78
N SER B 125 -10.59 7.76 4.04
CA SER B 125 -9.85 7.17 5.15
C SER B 125 -10.56 5.95 5.73
N THR B 126 -11.79 5.72 5.29
CA THR B 126 -12.54 4.54 5.69
C THR B 126 -13.49 4.13 4.59
N LYS B 127 -14.01 2.92 4.71
CA LYS B 127 -15.01 2.43 3.78
C LYS B 127 -15.91 1.41 4.45
N GLY B 128 -17.21 1.68 4.41
CA GLY B 128 -18.17 0.79 5.03
C GLY B 128 -18.33 -0.48 4.23
N PRO B 129 -18.79 -1.55 4.90
CA PRO B 129 -18.89 -2.88 4.30
C PRO B 129 -20.12 -3.05 3.42
N SER B 130 -20.02 -3.90 2.40
CA SER B 130 -21.19 -4.41 1.71
C SER B 130 -21.59 -5.71 2.39
N VAL B 131 -22.88 -5.88 2.66
CA VAL B 131 -23.37 -7.07 3.35
C VAL B 131 -24.27 -7.89 2.44
N PHE B 132 -23.98 -9.18 2.35
CA PHE B 132 -24.74 -10.11 1.50
C PHE B 132 -25.22 -11.30 2.32
N PRO B 133 -26.42 -11.81 2.01
CA PRO B 133 -26.94 -12.98 2.73
C PRO B 133 -26.20 -14.26 2.36
N LEU B 134 -25.97 -15.13 3.33
CA LEU B 134 -25.62 -16.51 3.04
C LEU B 134 -26.87 -17.33 3.28
N ALA B 135 -27.66 -17.51 2.24
CA ALA B 135 -28.99 -18.11 2.37
C ALA B 135 -28.99 -19.63 2.61
N PRO B 136 -29.84 -20.10 3.55
CA PRO B 136 -29.97 -21.52 3.89
C PRO B 136 -30.71 -22.30 2.80
N SER B 137 -30.66 -23.62 2.86
CA SER B 137 -31.26 -24.44 1.81
C SER B 137 -31.48 -25.87 2.31
N GLY B 143 -30.65 -31.47 6.60
CA GLY B 143 -31.94 -31.34 7.27
C GLY B 143 -31.81 -31.36 8.79
N GLY B 144 -32.89 -30.96 9.45
CA GLY B 144 -32.93 -30.78 10.90
C GLY B 144 -32.08 -29.60 11.35
N THR B 145 -30.83 -29.57 10.93
CA THR B 145 -29.90 -28.49 11.29
C THR B 145 -29.63 -27.67 10.04
N ALA B 146 -29.98 -26.38 10.06
CA ALA B 146 -29.71 -25.49 8.95
C ALA B 146 -28.64 -24.45 9.28
N ALA B 147 -27.99 -23.94 8.26
CA ALA B 147 -26.98 -22.90 8.42
C ALA B 147 -27.26 -21.72 7.50
N LEU B 148 -27.10 -20.53 8.08
CA LEU B 148 -27.26 -19.27 7.36
C LEU B 148 -26.26 -18.28 7.93
N GLY B 149 -26.06 -17.16 7.23
CA GLY B 149 -25.12 -16.16 7.70
C GLY B 149 -25.08 -14.91 6.84
N CYS B 150 -24.17 -14.01 7.17
CA CYS B 150 -23.97 -12.77 6.41
C CYS B 150 -22.53 -12.72 5.96
N LEU B 151 -22.32 -12.29 4.72
CA LEU B 151 -20.98 -12.06 4.21
C LEU B 151 -20.70 -10.56 4.27
N VAL B 152 -19.79 -10.15 5.14
CA VAL B 152 -19.46 -8.73 5.29
C VAL B 152 -18.21 -8.43 4.48
N LYS B 153 -18.39 -7.70 3.37
CA LYS B 153 -17.35 -7.64 2.34
C LYS B 153 -16.86 -6.24 2.00
N ASP B 154 -15.56 -6.13 1.75
CA ASP B 154 -14.95 -4.91 1.21
C ASP B 154 -15.08 -3.70 2.13
N TYR B 155 -14.54 -3.81 3.34
CA TYR B 155 -14.50 -2.67 4.25
C TYR B 155 -13.09 -2.35 4.71
N PHE B 156 -12.93 -1.22 5.38
CA PHE B 156 -11.63 -0.76 5.83
C PHE B 156 -11.75 0.47 6.73
N PRO B 157 -11.02 0.49 7.86
CA PRO B 157 -10.14 -0.54 8.41
C PRO B 157 -10.93 -1.49 9.31
N GLU B 158 -10.25 -2.36 10.05
CA GLU B 158 -10.93 -3.14 11.05
C GLU B 158 -11.27 -2.24 12.23
N PRO B 159 -12.25 -2.64 13.06
CA PRO B 159 -13.03 -3.87 13.02
C PRO B 159 -14.50 -3.65 12.66
N VAL B 160 -15.21 -4.74 12.34
CA VAL B 160 -16.66 -4.73 12.35
C VAL B 160 -17.11 -5.61 13.51
N THR B 161 -18.32 -5.37 14.00
CA THR B 161 -18.94 -6.27 14.97
C THR B 161 -20.24 -6.76 14.35
N VAL B 162 -20.60 -8.01 14.65
CA VAL B 162 -21.84 -8.57 14.14
C VAL B 162 -22.63 -9.20 15.27
N SER B 163 -23.89 -8.81 15.39
CA SER B 163 -24.82 -9.47 16.30
C SER B 163 -25.95 -10.02 15.45
N TRP B 164 -26.76 -10.90 16.03
CA TRP B 164 -27.88 -11.51 15.33
C TRP B 164 -29.19 -11.25 16.07
N ASN B 165 -30.18 -10.72 15.34
CA ASN B 165 -31.45 -10.35 15.96
C ASN B 165 -31.26 -9.42 17.17
N SER B 166 -30.52 -8.34 16.93
CA SER B 166 -30.18 -7.35 17.94
C SER B 166 -29.59 -7.92 19.23
N GLY B 167 -29.05 -9.12 19.15
CA GLY B 167 -28.32 -9.71 20.27
C GLY B 167 -29.07 -10.84 20.94
N ALA B 168 -30.37 -10.94 20.68
CA ALA B 168 -31.18 -12.00 21.26
C ALA B 168 -30.67 -13.38 20.88
N LEU B 169 -30.08 -13.47 19.69
CA LEU B 169 -29.52 -14.73 19.19
C LEU B 169 -28.00 -14.81 19.36
N THR B 170 -27.56 -15.60 20.34
CA THR B 170 -26.14 -15.78 20.59
C THR B 170 -25.66 -17.23 20.43
N SER B 171 -26.57 -18.18 20.66
CA SER B 171 -26.20 -19.60 20.57
C SER B 171 -26.07 -20.07 19.14
N GLY B 172 -24.96 -20.75 18.86
CA GLY B 172 -24.67 -21.26 17.52
C GLY B 172 -24.05 -20.25 16.58
N VAL B 173 -23.77 -19.05 17.07
CA VAL B 173 -23.20 -18.00 16.23
C VAL B 173 -21.69 -18.15 16.12
N HIS B 174 -21.18 -17.97 14.90
CA HIS B 174 -19.75 -17.89 14.69
C HIS B 174 -19.44 -16.71 13.82
N THR B 175 -18.64 -15.78 14.33
CA THR B 175 -18.15 -14.66 13.55
C THR B 175 -16.66 -14.88 13.36
N PHE B 176 -16.23 -15.02 12.11
CA PHE B 176 -14.87 -15.43 11.81
C PHE B 176 -13.91 -14.25 11.75
N PRO B 177 -12.63 -14.49 12.06
CA PRO B 177 -11.61 -13.46 11.86
C PRO B 177 -11.67 -12.93 10.43
N ALA B 178 -11.45 -11.63 10.24
CA ALA B 178 -11.49 -11.10 8.89
C ALA B 178 -10.25 -11.52 8.14
N VAL B 179 -10.34 -11.58 6.81
CA VAL B 179 -9.16 -11.79 5.97
C VAL B 179 -8.92 -10.52 5.17
N LEU B 180 -7.66 -10.29 4.82
CA LEU B 180 -7.32 -9.14 3.98
C LEU B 180 -7.20 -9.59 2.53
N GLN B 181 -8.10 -9.09 1.71
CA GLN B 181 -8.11 -9.44 0.29
C GLN B 181 -7.00 -8.70 -0.47
N SER B 182 -6.63 -9.23 -1.62
CA SER B 182 -5.62 -8.61 -2.48
C SER B 182 -5.97 -7.17 -2.87
N SER B 183 -7.21 -6.78 -2.64
CA SER B 183 -7.67 -5.43 -2.94
C SER B 183 -7.28 -4.48 -1.82
N GLY B 184 -6.76 -5.03 -0.73
CA GLY B 184 -6.44 -4.23 0.44
C GLY B 184 -7.63 -3.93 1.31
N LEU B 185 -8.75 -4.57 1.02
CA LEU B 185 -9.94 -4.43 1.86
C LEU B 185 -10.26 -5.73 2.56
N TYR B 186 -10.94 -5.62 3.70
CA TYR B 186 -11.23 -6.75 4.54
C TYR B 186 -12.56 -7.39 4.22
N SER B 187 -12.70 -8.64 4.64
CA SER B 187 -13.93 -9.38 4.48
C SER B 187 -14.05 -10.44 5.57
N LEU B 188 -15.26 -10.63 6.07
CA LEU B 188 -15.49 -11.66 7.06
C LEU B 188 -16.89 -12.19 6.87
N SER B 189 -17.18 -13.28 7.55
CA SER B 189 -18.50 -13.87 7.51
C SER B 189 -18.93 -14.16 8.92
N SER B 190 -20.24 -14.09 9.15
CA SER B 190 -20.82 -14.47 10.42
C SER B 190 -21.91 -15.46 10.11
N VAL B 191 -21.93 -16.59 10.82
CA VAL B 191 -22.90 -17.63 10.55
C VAL B 191 -23.58 -18.07 11.83
N VAL B 192 -24.79 -18.60 11.69
CA VAL B 192 -25.51 -19.17 12.81
C VAL B 192 -26.18 -20.45 12.33
N THR B 193 -26.15 -21.49 13.16
CA THR B 193 -26.87 -22.72 12.86
C THR B 193 -28.20 -22.84 13.60
N VAL B 194 -29.26 -23.21 12.89
CA VAL B 194 -30.59 -23.25 13.48
C VAL B 194 -31.43 -24.40 12.94
N PRO B 195 -32.53 -24.74 13.65
CA PRO B 195 -33.42 -25.83 13.28
C PRO B 195 -34.07 -25.64 11.91
N SER B 196 -33.94 -26.58 10.97
CA SER B 196 -34.55 -26.43 9.65
C SER B 196 -36.04 -26.13 9.74
N SER B 197 -36.62 -26.30 10.93
CA SER B 197 -38.05 -26.13 11.16
C SER B 197 -38.36 -24.71 11.58
N SER B 198 -37.33 -23.91 11.82
CA SER B 198 -37.50 -22.49 12.11
C SER B 198 -37.42 -21.59 10.88
N LEU B 199 -36.97 -22.13 9.74
CA LEU B 199 -36.91 -21.34 8.51
C LEU B 199 -38.33 -21.06 8.03
N GLY B 200 -38.72 -19.79 8.12
CA GLY B 200 -40.08 -19.35 7.84
C GLY B 200 -41.08 -19.26 9.00
N THR B 201 -40.57 -18.95 10.19
CA THR B 201 -41.36 -18.93 11.43
C THR B 201 -40.58 -17.89 12.24
N GLN B 202 -39.33 -18.24 12.53
CA GLN B 202 -38.35 -17.34 13.11
C GLN B 202 -37.67 -16.49 12.05
N THR B 203 -37.63 -15.19 12.30
CA THR B 203 -36.94 -14.23 11.43
C THR B 203 -35.47 -14.15 11.85
N TYR B 204 -34.57 -14.04 10.87
CA TYR B 204 -33.14 -13.92 11.16
C TYR B 204 -32.53 -12.67 10.53
N ILE B 205 -31.94 -11.82 11.38
CA ILE B 205 -31.38 -10.55 10.97
C ILE B 205 -30.02 -10.32 11.58
N CYS B 206 -28.99 -10.21 10.74
CA CYS B 206 -27.64 -9.89 11.23
C CYS B 206 -27.48 -8.37 11.31
N ASN B 207 -26.94 -7.91 12.42
CA ASN B 207 -26.72 -6.48 12.65
C ASN B 207 -25.23 -6.21 12.55
N VAL B 208 -24.82 -5.56 11.46
CA VAL B 208 -23.41 -5.25 11.25
C VAL B 208 -23.12 -3.82 11.66
N ASN B 209 -22.04 -3.65 12.42
CA ASN B 209 -21.55 -2.33 12.81
C ASN B 209 -20.09 -2.12 12.42
N HIS B 210 -19.83 -1.05 11.68
CA HIS B 210 -18.47 -0.64 11.32
C HIS B 210 -18.21 0.75 11.91
N LYS B 211 -17.83 0.75 13.19
CA LYS B 211 -17.68 1.97 13.98
C LYS B 211 -16.84 3.04 13.23
N PRO B 212 -15.69 2.65 12.62
CA PRO B 212 -14.80 3.57 11.90
C PRO B 212 -15.47 4.43 10.83
N SER B 213 -16.56 3.94 10.25
CA SER B 213 -17.28 4.70 9.22
C SER B 213 -18.70 4.96 9.70
N ASN B 214 -18.88 4.88 11.03
CA ASN B 214 -20.18 5.06 11.68
C ASN B 214 -21.31 4.37 10.92
N THR B 215 -21.03 3.20 10.36
CA THR B 215 -22.02 2.48 9.57
C THR B 215 -22.67 1.31 10.30
N LYS B 216 -24.01 1.29 10.26
CA LYS B 216 -24.78 0.18 10.80
C LYS B 216 -25.69 -0.33 9.70
N VAL B 217 -25.79 -1.65 9.59
CA VAL B 217 -26.53 -2.29 8.52
C VAL B 217 -27.23 -3.51 9.08
N ASP B 218 -28.55 -3.53 8.95
CA ASP B 218 -29.34 -4.69 9.31
C ASP B 218 -29.78 -5.41 8.05
N LYS B 219 -29.66 -6.74 8.05
CA LYS B 219 -29.94 -7.53 6.85
C LYS B 219 -30.72 -8.79 7.21
N LYS B 220 -31.91 -8.91 6.63
CA LYS B 220 -32.73 -10.09 6.86
C LYS B 220 -32.24 -11.22 5.96
N VAL B 221 -32.02 -12.38 6.56
CA VAL B 221 -31.64 -13.56 5.78
C VAL B 221 -32.81 -14.55 5.70
N GLU B 222 -33.37 -14.65 4.53
CA GLU B 222 -34.42 -15.56 4.35
C GLU B 222 -33.96 -16.61 3.36
N PRO B 223 -34.69 -17.71 3.26
CA PRO B 223 -34.31 -18.74 2.28
C PRO B 223 -34.50 -18.42 0.79
N LYS B 224 -34.16 -19.37 -0.08
CA LYS B 224 -34.27 -19.26 -1.55
C LYS B 224 -33.39 -18.16 -2.05
N ALA C 1 23.07 -20.66 13.88
CA ALA C 1 23.55 -22.07 13.74
C ALA C 1 23.11 -22.93 14.92
N VAL C 2 22.43 -22.34 15.89
CA VAL C 2 21.75 -23.12 16.92
C VAL C 2 20.29 -23.32 16.55
N VAL C 3 19.90 -24.58 16.36
CA VAL C 3 18.52 -24.95 16.07
C VAL C 3 17.75 -25.26 17.35
N MET C 4 16.62 -24.58 17.57
CA MET C 4 15.77 -24.81 18.74
C MET C 4 14.55 -25.64 18.36
N THR C 5 14.41 -26.80 18.98
CA THR C 5 13.29 -27.72 18.72
C THR C 5 12.35 -27.84 19.91
N GLN C 6 11.11 -27.41 19.72
CA GLN C 6 10.10 -27.42 20.76
C GLN C 6 9.14 -28.62 20.61
N SER C 7 8.70 -29.20 21.72
CA SER C 7 7.81 -30.36 21.67
C SER C 7 6.84 -30.39 22.87
N PRO C 8 5.56 -30.72 22.64
CA PRO C 8 4.93 -31.06 21.35
C PRO C 8 4.52 -29.81 20.59
N SER C 9 3.92 -29.98 19.42
CA SER C 9 3.47 -28.83 18.65
C SER C 9 2.14 -28.34 19.21
N THR C 10 1.33 -29.28 19.67
CA THR C 10 0.06 -28.97 20.30
C THR C 10 -0.05 -29.82 21.54
N LEU C 11 -0.51 -29.21 22.62
CA LEU C 11 -0.69 -29.91 23.88
C LEU C 11 -2.11 -29.69 24.37
N SER C 12 -2.89 -30.75 24.36
CA SER C 12 -4.28 -30.68 24.77
C SER C 12 -4.41 -31.09 26.22
N ALA C 13 -5.05 -30.26 27.03
CA ALA C 13 -5.13 -30.56 28.45
C ALA C 13 -6.43 -29.99 29.01
N SER C 14 -6.59 -30.09 30.32
CA SER C 14 -7.77 -29.61 31.00
C SER C 14 -7.42 -28.68 32.15
N VAL C 15 -8.35 -27.81 32.51
CA VAL C 15 -8.15 -26.94 33.65
C VAL C 15 -7.79 -27.83 34.84
N GLY C 16 -6.80 -27.40 35.62
CA GLY C 16 -6.38 -28.16 36.80
C GLY C 16 -5.18 -29.06 36.55
N ASP C 17 -4.90 -29.37 35.28
CA ASP C 17 -3.78 -30.25 34.95
C ASP C 17 -2.42 -29.61 35.17
N THR C 18 -1.42 -30.46 35.37
CA THR C 18 -0.02 -30.05 35.32
C THR C 18 0.57 -30.50 33.98
N ILE C 19 1.10 -29.54 33.20
CA ILE C 19 1.64 -29.86 31.88
C ILE C 19 3.10 -29.43 31.73
N THR C 20 3.79 -30.07 30.78
CA THR C 20 5.20 -29.82 30.54
C THR C 20 5.44 -29.62 29.05
N ILE C 21 6.10 -28.52 28.71
CA ILE C 21 6.49 -28.23 27.34
C ILE C 21 8.00 -28.32 27.26
N THR C 22 8.48 -29.05 26.26
CA THR C 22 9.91 -29.27 26.10
C THR C 22 10.53 -28.42 24.99
N CYS C 23 11.76 -27.99 25.25
CA CYS C 23 12.54 -27.21 24.30
C CYS C 23 13.93 -27.83 24.26
N ARG C 24 14.43 -28.11 23.06
CA ARG C 24 15.74 -28.74 22.94
C ARG C 24 16.65 -27.88 22.05
N ALA C 25 17.92 -27.75 22.43
CA ALA C 25 18.86 -26.97 21.66
C ALA C 25 19.83 -27.91 20.93
N SER C 26 20.15 -27.60 19.69
CA SER C 26 21.05 -28.42 18.90
C SER C 26 22.46 -28.49 19.48
N GLN C 27 22.78 -27.54 20.35
CA GLN C 27 24.02 -27.59 21.09
C GLN C 27 23.85 -26.80 22.38
N SER C 28 24.79 -26.98 23.31
CA SER C 28 24.64 -26.40 24.64
C SER C 28 24.54 -24.88 24.56
N ILE C 29 23.52 -24.33 25.23
CA ILE C 29 23.31 -22.89 25.33
C ILE C 29 23.25 -22.49 26.79
N GLU C 30 23.85 -23.31 27.66
CA GLU C 30 23.86 -23.09 29.10
C GLU C 30 22.43 -22.85 29.60
N THR C 31 22.16 -21.69 30.22
CA THR C 31 20.80 -21.34 30.62
C THR C 31 20.26 -20.10 29.91
N TRP C 32 20.81 -19.78 28.75
CA TRP C 32 20.34 -18.64 27.95
C TRP C 32 19.07 -18.96 27.17
N LEU C 33 18.00 -19.22 27.89
CA LEU C 33 16.73 -19.63 27.30
C LEU C 33 15.57 -18.90 27.95
N ALA C 34 14.63 -18.44 27.12
CA ALA C 34 13.49 -17.68 27.60
C ALA C 34 12.22 -18.33 27.10
N TRP C 35 11.14 -18.15 27.86
CA TRP C 35 9.81 -18.61 27.47
C TRP C 35 8.86 -17.44 27.34
N TYR C 36 8.07 -17.45 26.27
CA TYR C 36 7.11 -16.39 26.00
C TYR C 36 5.72 -16.96 25.84
N GLN C 37 4.73 -16.18 26.24
CA GLN C 37 3.34 -16.55 26.02
C GLN C 37 2.78 -15.60 24.98
N GLN C 38 1.96 -16.11 24.06
CA GLN C 38 1.32 -15.25 23.06
C GLN C 38 -0.09 -15.72 22.83
N LYS C 39 -1.03 -14.79 22.91
CA LYS C 39 -2.42 -15.09 22.59
C LYS C 39 -2.70 -14.57 21.18
N PRO C 40 -3.70 -15.15 20.49
CA PRO C 40 -4.04 -14.77 19.12
C PRO C 40 -4.18 -13.27 18.90
N GLY C 41 -3.45 -12.73 17.93
CA GLY C 41 -3.54 -11.32 17.57
C GLY C 41 -2.94 -10.37 18.59
N LYS C 42 -2.23 -10.94 19.57
CA LYS C 42 -1.57 -10.15 20.61
C LYS C 42 -0.06 -10.29 20.54
N ALA C 43 0.66 -9.42 21.24
CA ALA C 43 2.11 -9.47 21.27
C ALA C 43 2.62 -10.57 22.21
N PRO C 44 3.79 -11.15 21.92
CA PRO C 44 4.36 -12.10 22.86
C PRO C 44 4.58 -11.47 24.23
N LYS C 45 4.47 -12.26 25.29
CA LYS C 45 4.72 -11.79 26.64
C LYS C 45 5.78 -12.67 27.28
N LEU C 46 6.84 -12.04 27.78
CA LEU C 46 7.92 -12.76 28.45
C LEU C 46 7.49 -13.31 29.81
N LEU C 47 7.68 -14.62 29.99
CA LEU C 47 7.35 -15.29 31.24
C LEU C 47 8.57 -15.64 32.08
N ILE C 48 9.53 -16.29 31.44
CA ILE C 48 10.68 -16.84 32.14
C ILE C 48 11.94 -16.56 31.33
N TYR C 49 13.01 -16.18 32.01
CA TYR C 49 14.31 -16.03 31.34
C TYR C 49 15.40 -16.66 32.19
N LYS C 50 16.61 -16.73 31.64
CA LYS C 50 17.69 -17.45 32.29
C LYS C 50 17.21 -18.85 32.71
N ALA C 51 16.36 -19.43 31.86
CA ALA C 51 15.83 -20.79 32.00
C ALA C 51 14.81 -20.97 33.13
N SER C 52 14.99 -20.28 34.26
CA SER C 52 14.15 -20.58 35.43
C SER C 52 13.69 -19.36 36.23
N THR C 53 14.08 -18.16 35.82
CA THR C 53 13.65 -16.95 36.53
C THR C 53 12.34 -16.40 35.99
N LEU C 54 11.34 -16.27 36.87
CA LEU C 54 10.07 -15.66 36.49
C LEU C 54 10.14 -14.15 36.47
N LYS C 55 9.57 -13.57 35.41
CA LYS C 55 9.33 -12.14 35.35
C LYS C 55 8.33 -11.72 36.42
N THR C 56 8.47 -10.49 36.88
CA THR C 56 7.52 -9.89 37.80
C THR C 56 6.11 -9.98 37.22
N GLY C 57 5.15 -10.37 38.04
CA GLY C 57 3.78 -10.44 37.60
C GLY C 57 3.36 -11.80 37.06
N VAL C 58 4.32 -12.72 36.97
CA VAL C 58 4.01 -14.05 36.45
C VAL C 58 3.66 -15.00 37.59
N PRO C 59 2.45 -15.59 37.54
CA PRO C 59 1.99 -16.46 38.63
C PRO C 59 2.92 -17.65 38.88
N SER C 60 2.98 -18.10 40.13
CA SER C 60 3.90 -19.14 40.56
C SER C 60 3.58 -20.53 39.98
N ARG C 61 2.43 -20.70 39.34
CA ARG C 61 2.12 -21.98 38.72
C ARG C 61 3.01 -22.20 37.50
N PHE C 62 3.64 -21.13 37.01
CA PHE C 62 4.60 -21.24 35.91
C PHE C 62 5.96 -21.50 36.51
N SER C 63 6.68 -22.47 35.96
CA SER C 63 8.07 -22.70 36.36
C SER C 63 8.88 -23.19 35.19
N GLY C 64 10.20 -23.01 35.28
CA GLY C 64 11.09 -23.43 34.22
C GLY C 64 12.33 -24.05 34.80
N SER C 65 12.91 -25.00 34.06
CA SER C 65 14.12 -25.67 34.48
C SER C 65 14.91 -26.11 33.26
N GLY C 66 16.12 -26.59 33.49
CA GLY C 66 16.95 -27.13 32.44
C GLY C 66 18.21 -26.31 32.25
N SER C 67 19.18 -26.94 31.60
CA SER C 67 20.39 -26.27 31.19
C SER C 67 21.02 -27.10 30.08
N GLY C 68 21.95 -26.51 29.34
CA GLY C 68 22.63 -27.22 28.27
C GLY C 68 21.79 -27.33 27.02
N THR C 69 21.18 -28.50 26.80
CA THR C 69 20.42 -28.76 25.59
C THR C 69 18.95 -29.12 25.82
N GLU C 70 18.57 -29.46 27.06
CA GLU C 70 17.18 -29.86 27.34
C GLU C 70 16.54 -28.95 28.37
N PHE C 71 15.43 -28.32 27.98
CA PHE C 71 14.73 -27.37 28.84
C PHE C 71 13.25 -27.70 28.97
N THR C 72 12.67 -27.34 30.11
CA THR C 72 11.26 -27.59 30.37
C THR C 72 10.50 -26.40 30.95
N LEU C 73 9.33 -26.13 30.38
CA LEU C 73 8.38 -25.19 30.97
C LEU C 73 7.29 -26.03 31.62
N THR C 74 7.02 -25.79 32.90
CA THR C 74 5.94 -26.51 33.57
C THR C 74 4.87 -25.53 34.02
N ILE C 75 3.62 -25.93 33.83
CA ILE C 75 2.48 -25.18 34.37
C ILE C 75 1.70 -26.09 35.30
N SER C 76 1.73 -25.79 36.59
CA SER C 76 1.08 -26.64 37.59
C SER C 76 -0.29 -26.07 37.96
N GLY C 77 -1.34 -26.68 37.43
CA GLY C 77 -2.69 -26.22 37.69
C GLY C 77 -3.15 -25.26 36.61
N LEU C 78 -3.31 -25.80 35.41
CA LEU C 78 -3.75 -25.03 34.26
C LEU C 78 -5.04 -24.27 34.54
N GLN C 79 -5.03 -22.96 34.29
CA GLN C 79 -6.24 -22.12 34.34
C GLN C 79 -6.65 -21.67 32.93
N PHE C 80 -7.90 -21.25 32.74
CA PHE C 80 -8.38 -20.83 31.42
C PHE C 80 -7.47 -19.80 30.78
N ASP C 81 -6.91 -18.90 31.58
CA ASP C 81 -6.06 -17.84 31.05
C ASP C 81 -4.77 -18.38 30.43
N ASP C 82 -4.44 -19.64 30.72
CA ASP C 82 -3.18 -20.22 30.28
C ASP C 82 -3.23 -20.85 28.89
N PHE C 83 -4.43 -21.04 28.35
CA PHE C 83 -4.52 -21.60 27.01
C PHE C 83 -4.08 -20.56 26.00
N ALA C 84 -3.02 -20.90 25.28
CA ALA C 84 -2.28 -19.95 24.47
C ALA C 84 -1.17 -20.69 23.78
N THR C 85 -0.37 -19.96 23.00
CA THR C 85 0.82 -20.51 22.40
C THR C 85 2.02 -20.12 23.26
N TYR C 86 2.93 -21.07 23.47
CA TYR C 86 4.18 -20.80 24.16
C TYR C 86 5.39 -20.97 23.23
N HIS C 87 6.31 -20.03 23.31
CA HIS C 87 7.48 -20.00 22.44
C HIS C 87 8.74 -20.06 23.30
N CYS C 88 9.66 -20.98 23.01
CA CYS C 88 10.96 -20.94 23.69
C CYS C 88 11.92 -20.16 22.80
N GLN C 89 13.00 -19.69 23.40
CA GLN C 89 13.93 -18.82 22.70
C GLN C 89 15.34 -18.90 23.28
N HIS C 90 16.30 -19.19 22.42
CA HIS C 90 17.69 -19.01 22.80
C HIS C 90 18.03 -17.56 22.47
N TYR C 91 18.51 -16.81 23.45
CA TYR C 91 18.93 -15.44 23.18
C TYR C 91 20.42 -15.24 23.43
N ALA C 92 21.10 -14.67 22.44
CA ALA C 92 22.51 -14.30 22.51
C ALA C 92 22.58 -12.77 22.43
N GLY C 93 23.76 -12.19 22.59
CA GLY C 93 23.91 -10.75 22.63
C GLY C 93 23.30 -10.00 21.46
N TYR C 94 23.43 -10.56 20.27
CA TYR C 94 23.03 -9.89 19.02
C TYR C 94 22.26 -10.78 18.06
N SER C 95 21.73 -11.89 18.58
CA SER C 95 20.88 -12.75 17.77
C SER C 95 20.04 -13.64 18.66
N ALA C 96 19.07 -14.31 18.06
CA ALA C 96 18.22 -15.23 18.80
C ALA C 96 17.66 -16.28 17.86
N THR C 97 17.15 -17.37 18.42
CA THR C 97 16.41 -18.33 17.62
C THR C 97 15.24 -18.83 18.45
N PHE C 98 14.11 -19.09 17.80
CA PHE C 98 12.89 -19.54 18.46
C PHE C 98 12.56 -20.97 18.08
N GLY C 99 11.90 -21.67 18.99
CA GLY C 99 11.27 -22.93 18.66
C GLY C 99 10.04 -22.70 17.82
N GLN C 100 9.43 -23.76 17.31
CA GLN C 100 8.29 -23.64 16.39
C GLN C 100 7.07 -23.13 17.13
N GLY C 101 7.09 -23.21 18.45
CA GLY C 101 5.95 -22.82 19.26
C GLY C 101 5.07 -23.98 19.65
N THR C 102 4.42 -23.87 20.81
CA THR C 102 3.55 -24.93 21.33
C THR C 102 2.22 -24.34 21.74
N ARG C 103 1.18 -24.78 21.05
CA ARG C 103 -0.18 -24.34 21.33
C ARG C 103 -0.85 -25.24 22.36
N VAL C 104 -1.23 -24.63 23.48
CA VAL C 104 -1.92 -25.31 24.56
C VAL C 104 -3.42 -25.05 24.40
N GLU C 105 -4.20 -26.12 24.30
CA GLU C 105 -5.63 -26.03 24.04
C GLU C 105 -6.40 -26.89 25.02
N ILE C 106 -7.72 -26.71 25.03
CA ILE C 106 -8.60 -27.51 25.87
C ILE C 106 -8.83 -28.87 25.22
N LYS C 107 -8.60 -29.95 25.94
CA LYS C 107 -8.83 -31.29 25.42
C LYS C 107 -10.31 -31.65 25.38
N ARG C 108 -10.73 -32.27 24.29
CA ARG C 108 -12.05 -32.89 24.19
C ARG C 108 -11.98 -34.04 23.20
N THR C 109 -13.10 -34.73 23.01
CA THR C 109 -13.16 -35.85 22.09
C THR C 109 -13.18 -35.35 20.65
N VAL C 110 -12.68 -36.16 19.73
CA VAL C 110 -12.73 -35.83 18.31
C VAL C 110 -14.17 -35.53 17.87
N ALA C 111 -14.30 -34.56 16.97
CA ALA C 111 -15.60 -34.23 16.39
C ALA C 111 -15.47 -33.86 14.93
N ALA C 112 -16.20 -34.58 14.08
CA ALA C 112 -16.21 -34.30 12.66
C ALA C 112 -16.96 -32.99 12.41
N PRO C 113 -16.56 -32.22 11.37
CA PRO C 113 -17.26 -30.98 11.03
C PRO C 113 -18.63 -31.18 10.38
N SER C 114 -19.56 -30.27 10.60
CA SER C 114 -20.72 -30.15 9.73
C SER C 114 -20.29 -29.23 8.61
N VAL C 115 -20.57 -29.61 7.37
CA VAL C 115 -20.12 -28.81 6.23
C VAL C 115 -21.31 -28.23 5.48
N PHE C 116 -21.18 -26.95 5.11
CA PHE C 116 -22.21 -26.23 4.37
C PHE C 116 -21.55 -25.44 3.25
N ILE C 117 -22.23 -25.31 2.12
CA ILE C 117 -21.73 -24.49 1.02
C ILE C 117 -22.79 -23.46 0.66
N PHE C 118 -22.33 -22.25 0.34
CA PHE C 118 -23.23 -21.14 0.01
C PHE C 118 -22.91 -20.50 -1.34
N PRO C 119 -23.86 -20.56 -2.29
CA PRO C 119 -23.68 -19.84 -3.56
C PRO C 119 -23.65 -18.32 -3.37
N PRO C 120 -23.11 -17.58 -4.35
CA PRO C 120 -23.18 -16.12 -4.32
C PRO C 120 -24.63 -15.63 -4.25
N SER C 121 -24.86 -14.56 -3.51
CA SER C 121 -26.16 -13.91 -3.51
C SER C 121 -26.41 -13.25 -4.85
N ASP C 122 -27.66 -13.16 -5.28
CA ASP C 122 -27.97 -12.53 -6.56
C ASP C 122 -27.52 -11.09 -6.58
N GLU C 123 -27.67 -10.43 -5.43
CA GLU C 123 -27.25 -9.05 -5.26
C GLU C 123 -25.77 -8.85 -5.56
N GLN C 124 -24.92 -9.65 -4.94
CA GLN C 124 -23.50 -9.53 -5.17
C GLN C 124 -23.19 -9.79 -6.64
N LEU C 125 -23.79 -10.84 -7.20
CA LEU C 125 -23.55 -11.20 -8.59
C LEU C 125 -23.83 -9.99 -9.49
N LYS C 126 -24.86 -9.24 -9.16
CA LYS C 126 -25.29 -8.10 -9.96
C LYS C 126 -24.18 -7.05 -10.01
N SER C 127 -23.39 -6.99 -8.94
CA SER C 127 -22.33 -6.00 -8.83
C SER C 127 -21.01 -6.44 -9.46
N GLY C 128 -20.96 -7.66 -10.01
CA GLY C 128 -19.81 -8.11 -10.75
C GLY C 128 -18.91 -9.15 -10.10
N THR C 129 -19.25 -9.57 -8.88
CA THR C 129 -18.38 -10.47 -8.13
C THR C 129 -19.14 -11.68 -7.57
N ALA C 130 -18.42 -12.78 -7.39
CA ALA C 130 -19.01 -14.03 -6.94
C ALA C 130 -18.17 -14.65 -5.83
N SER C 131 -18.65 -14.57 -4.60
CA SER C 131 -17.97 -15.24 -3.50
C SER C 131 -18.77 -16.49 -3.14
N VAL C 132 -18.09 -17.62 -3.17
CA VAL C 132 -18.70 -18.88 -2.73
C VAL C 132 -18.08 -19.22 -1.40
N VAL C 133 -18.91 -19.58 -0.42
CA VAL C 133 -18.44 -19.80 0.93
C VAL C 133 -18.67 -21.24 1.36
N CYS C 134 -17.66 -21.81 2.01
CA CYS C 134 -17.76 -23.15 2.57
C CYS C 134 -17.55 -23.03 4.07
N LEU C 135 -18.47 -23.60 4.85
CA LEU C 135 -18.40 -23.53 6.30
C LEU C 135 -18.15 -24.90 6.88
N LEU C 136 -17.10 -25.04 7.68
CA LEU C 136 -16.85 -26.25 8.46
C LEU C 136 -17.18 -25.91 9.91
N ASN C 137 -18.23 -26.51 10.43
CA ASN C 137 -18.79 -26.08 11.71
C ASN C 137 -18.54 -27.04 12.88
N ASN C 138 -17.96 -26.51 13.95
CA ASN C 138 -17.82 -27.22 15.23
C ASN C 138 -17.11 -28.57 15.14
N PHE C 139 -15.84 -28.52 14.76
CA PHE C 139 -15.01 -29.71 14.66
C PHE C 139 -13.84 -29.63 15.63
N TYR C 140 -13.21 -30.77 15.87
CA TYR C 140 -12.05 -30.84 16.74
C TYR C 140 -11.25 -32.09 16.43
N PRO C 141 -9.92 -31.98 16.37
CA PRO C 141 -9.02 -30.85 16.65
C PRO C 141 -8.99 -29.85 15.50
N ARG C 142 -8.10 -28.86 15.58
CA ARG C 142 -8.16 -27.70 14.70
C ARG C 142 -7.75 -27.97 13.26
N GLU C 143 -6.92 -28.98 13.04
CA GLU C 143 -6.42 -29.25 11.69
C GLU C 143 -7.50 -29.80 10.76
N ALA C 144 -7.70 -29.08 9.66
CA ALA C 144 -8.68 -29.44 8.64
C ALA C 144 -8.20 -28.91 7.32
N LYS C 145 -8.60 -29.53 6.22
CA LYS C 145 -8.21 -29.04 4.90
C LYS C 145 -9.43 -28.85 4.00
N VAL C 146 -9.41 -27.76 3.24
CA VAL C 146 -10.44 -27.47 2.26
C VAL C 146 -9.88 -27.34 0.86
N GLN C 147 -10.49 -28.07 -0.07
CA GLN C 147 -10.14 -27.98 -1.48
C GLN C 147 -11.38 -27.60 -2.29
N TRP C 148 -11.27 -26.52 -3.06
CA TRP C 148 -12.34 -26.09 -3.96
C TRP C 148 -12.22 -26.75 -5.32
N LYS C 149 -13.34 -27.23 -5.85
CA LYS C 149 -13.40 -27.77 -7.20
C LYS C 149 -14.47 -27.08 -8.03
N VAL C 150 -14.12 -26.71 -9.26
CA VAL C 150 -15.06 -26.12 -10.21
C VAL C 150 -15.13 -27.00 -11.44
N ASP C 151 -16.33 -27.49 -11.73
CA ASP C 151 -16.52 -28.57 -12.71
C ASP C 151 -15.42 -29.62 -12.53
N ASN C 152 -15.16 -29.95 -11.27
CA ASN C 152 -14.29 -31.07 -10.91
C ASN C 152 -12.81 -30.77 -11.13
N ALA C 153 -12.49 -29.51 -11.39
CA ALA C 153 -11.10 -29.06 -11.48
C ALA C 153 -10.67 -28.34 -10.21
N LEU C 154 -9.66 -28.89 -9.54
CA LEU C 154 -9.16 -28.34 -8.28
C LEU C 154 -8.66 -26.91 -8.47
N GLN C 155 -9.01 -26.06 -7.51
CA GLN C 155 -8.67 -24.64 -7.53
C GLN C 155 -7.40 -24.32 -6.73
N SER C 156 -6.78 -23.18 -7.01
CA SER C 156 -5.65 -22.70 -6.21
C SER C 156 -5.40 -21.21 -6.42
N GLY C 157 -4.97 -20.54 -5.36
CA GLY C 157 -4.66 -19.12 -5.42
C GLY C 157 -5.85 -18.17 -5.39
N ASN C 158 -7.06 -18.71 -5.38
CA ASN C 158 -8.27 -17.88 -5.41
C ASN C 158 -9.21 -18.05 -4.22
N SER C 159 -8.69 -18.60 -3.13
CA SER C 159 -9.50 -18.80 -1.92
C SER C 159 -8.72 -18.35 -0.68
N GLN C 160 -9.46 -17.87 0.31
CA GLN C 160 -8.90 -17.56 1.62
C GLN C 160 -9.76 -18.19 2.72
N GLU C 161 -9.18 -18.37 3.89
CA GLU C 161 -9.93 -18.94 5.00
C GLU C 161 -9.50 -18.35 6.33
N SER C 162 -10.36 -18.48 7.33
CA SER C 162 -10.03 -18.10 8.70
C SER C 162 -10.71 -19.03 9.69
N VAL C 163 -10.11 -19.18 10.87
CA VAL C 163 -10.58 -20.15 11.86
C VAL C 163 -10.86 -19.44 13.17
N THR C 164 -11.96 -19.81 13.83
CA THR C 164 -12.32 -19.21 15.12
C THR C 164 -11.48 -19.79 16.23
N GLU C 165 -11.37 -19.08 17.34
CA GLU C 165 -10.76 -19.63 18.54
CA GLU C 165 -10.76 -19.63 18.54
C GLU C 165 -11.70 -20.68 19.13
N GLN C 166 -11.14 -21.54 19.97
CA GLN C 166 -11.90 -22.64 20.56
C GLN C 166 -13.17 -22.13 21.24
N ASP C 167 -14.29 -22.75 20.87
CA ASP C 167 -15.63 -22.37 21.34
C ASP C 167 -15.85 -22.50 22.85
N SER C 168 -16.52 -21.52 23.42
CA SER C 168 -16.80 -21.46 24.85
C SER C 168 -17.70 -22.60 25.32
N LYS C 169 -18.59 -23.07 24.46
CA LYS C 169 -19.61 -24.00 24.90
C LYS C 169 -19.23 -25.45 24.60
N ASP C 170 -18.73 -25.75 23.41
CA ASP C 170 -18.31 -27.12 23.09
C ASP C 170 -16.80 -27.30 22.82
N SER C 171 -16.00 -26.25 23.03
CA SER C 171 -14.53 -26.33 22.86
C SER C 171 -14.09 -26.78 21.45
N THR C 172 -14.96 -26.56 20.46
CA THR C 172 -14.68 -26.93 19.07
C THR C 172 -14.15 -25.73 18.30
N TYR C 173 -13.75 -25.97 17.06
CA TYR C 173 -13.33 -24.89 16.18
C TYR C 173 -14.26 -24.87 14.97
N SER C 174 -14.30 -23.75 14.28
CA SER C 174 -15.02 -23.67 13.01
C SER C 174 -14.15 -22.93 12.02
N LEU C 175 -14.38 -23.20 10.73
CA LEU C 175 -13.59 -22.62 9.68
C LEU C 175 -14.47 -22.17 8.54
N SER C 176 -14.09 -21.05 7.95
CA SER C 176 -14.79 -20.49 6.82
C SER C 176 -13.82 -20.30 5.68
N SER C 177 -14.19 -20.79 4.49
CA SER C 177 -13.38 -20.60 3.31
C SER C 177 -14.22 -19.88 2.27
N THR C 178 -13.64 -18.86 1.66
CA THR C 178 -14.30 -18.11 0.61
C THR C 178 -13.54 -18.25 -0.69
N LEU C 179 -14.22 -18.80 -1.69
CA LEU C 179 -13.70 -18.85 -3.05
C LEU C 179 -14.22 -17.63 -3.80
N THR C 180 -13.34 -16.86 -4.41
CA THR C 180 -13.76 -15.63 -5.09
C THR C 180 -13.44 -15.65 -6.58
N LEU C 181 -14.48 -15.40 -7.38
CA LEU C 181 -14.37 -15.34 -8.84
C LEU C 181 -15.11 -14.14 -9.37
N SER C 182 -14.72 -13.69 -10.56
CA SER C 182 -15.47 -12.66 -11.24
C SER C 182 -16.79 -13.25 -11.72
N LYS C 183 -17.79 -12.41 -11.92
CA LYS C 183 -19.07 -12.86 -12.46
C LYS C 183 -18.86 -13.60 -13.78
N ALA C 184 -17.89 -13.15 -14.56
CA ALA C 184 -17.63 -13.72 -15.87
C ALA C 184 -17.19 -15.18 -15.76
N ASP C 185 -16.16 -15.41 -14.95
CA ASP C 185 -15.65 -16.76 -14.73
C ASP C 185 -16.69 -17.67 -14.09
N TYR C 186 -17.41 -17.11 -13.12
CA TYR C 186 -18.41 -17.88 -12.40
C TYR C 186 -19.47 -18.49 -13.31
N GLU C 187 -19.89 -17.71 -14.30
CA GLU C 187 -20.90 -18.15 -15.25
C GLU C 187 -20.39 -19.11 -16.33
N LYS C 188 -19.07 -19.27 -16.46
CA LYS C 188 -18.53 -20.27 -17.38
C LYS C 188 -18.71 -21.71 -16.90
N HIS C 189 -19.00 -21.90 -15.61
CA HIS C 189 -18.97 -23.24 -15.02
C HIS C 189 -20.26 -23.55 -14.28
N LYS C 190 -20.50 -24.85 -14.08
CA LYS C 190 -21.76 -25.32 -13.49
C LYS C 190 -21.63 -25.87 -12.07
N VAL C 191 -20.63 -26.72 -11.83
CA VAL C 191 -20.55 -27.41 -10.54
C VAL C 191 -19.50 -26.80 -9.62
N TYR C 192 -19.94 -26.32 -8.46
CA TYR C 192 -19.02 -25.77 -7.49
C TYR C 192 -19.04 -26.66 -6.25
N ALA C 193 -17.86 -27.09 -5.83
CA ALA C 193 -17.74 -28.04 -4.71
C ALA C 193 -16.61 -27.66 -3.78
N CYS C 194 -16.80 -27.88 -2.49
CA CYS C 194 -15.71 -27.77 -1.53
C CYS C 194 -15.53 -29.15 -0.90
N GLU C 195 -14.29 -29.60 -0.84
CA GLU C 195 -13.96 -30.93 -0.32
C GLU C 195 -13.20 -30.82 0.99
N VAL C 196 -13.72 -31.46 2.02
CA VAL C 196 -13.22 -31.27 3.39
C VAL C 196 -12.58 -32.54 3.93
N THR C 197 -11.35 -32.40 4.43
CA THR C 197 -10.63 -33.51 5.05
C THR C 197 -10.40 -33.23 6.53
N HIS C 198 -10.74 -34.19 7.39
CA HIS C 198 -10.63 -34.00 8.84
C HIS C 198 -10.66 -35.35 9.58
N GLN C 199 -9.87 -35.47 10.64
CA GLN C 199 -9.73 -36.73 11.36
C GLN C 199 -11.02 -37.34 11.90
N GLY C 200 -12.07 -36.54 11.99
CA GLY C 200 -13.34 -37.03 12.52
C GLY C 200 -14.16 -37.75 11.46
N LEU C 201 -13.72 -37.62 10.21
CA LEU C 201 -14.39 -38.24 9.08
C LEU C 201 -13.67 -39.50 8.63
N SER C 202 -14.45 -40.48 8.17
CA SER C 202 -13.88 -41.71 7.64
C SER C 202 -13.25 -41.49 6.28
N SER C 203 -13.67 -40.41 5.63
CA SER C 203 -13.09 -40.02 4.35
C SER C 203 -13.52 -38.61 4.02
N PRO C 204 -12.91 -37.99 2.99
CA PRO C 204 -13.27 -36.60 2.69
C PRO C 204 -14.74 -36.42 2.35
N VAL C 205 -15.34 -35.33 2.85
CA VAL C 205 -16.73 -34.99 2.57
C VAL C 205 -16.77 -33.91 1.50
N THR C 206 -17.72 -34.02 0.59
CA THR C 206 -17.95 -33.00 -0.42
C THR C 206 -19.36 -32.43 -0.35
N LYS C 207 -19.45 -31.10 -0.38
CA LYS C 207 -20.73 -30.40 -0.51
C LYS C 207 -20.64 -29.61 -1.80
N SER C 208 -21.69 -29.67 -2.60
CA SER C 208 -21.67 -29.02 -3.91
C SER C 208 -23.04 -28.45 -4.28
N PHE C 209 -23.03 -27.58 -5.29
CA PHE C 209 -24.25 -27.10 -5.90
C PHE C 209 -24.03 -26.84 -7.39
N ASN C 210 -25.11 -26.88 -8.16
CA ASN C 210 -25.05 -26.54 -9.58
C ASN C 210 -25.56 -25.12 -9.77
N ARG C 211 -24.78 -24.27 -10.43
CA ARG C 211 -25.21 -22.90 -10.63
C ARG C 211 -26.56 -22.84 -11.35
N GLY C 212 -27.44 -21.96 -10.88
CA GLY C 212 -28.76 -21.81 -11.47
C GLY C 212 -29.86 -22.56 -10.75
N GLU C 213 -29.56 -23.81 -10.38
CA GLU C 213 -30.49 -24.64 -9.61
C GLU C 213 -30.63 -24.18 -8.18
N GLU D 1 4.33 2.67 31.97
CA GLU D 1 4.33 1.37 31.25
C GLU D 1 5.08 1.52 29.93
N VAL D 2 6.13 0.71 29.77
CA VAL D 2 6.95 0.76 28.57
C VAL D 2 6.08 0.36 27.40
N GLN D 3 6.18 1.09 26.29
CA GLN D 3 5.37 0.76 25.13
C GLN D 3 6.16 0.91 23.83
N LEU D 4 5.83 0.07 22.84
CA LEU D 4 6.41 0.14 21.50
C LEU D 4 5.29 0.12 20.45
N VAL D 5 5.46 0.86 19.36
CA VAL D 5 4.45 0.87 18.30
C VAL D 5 5.04 0.83 16.88
N GLU D 6 4.64 -0.18 16.11
CA GLU D 6 5.12 -0.32 14.73
C GLU D 6 4.28 0.52 13.79
N SER D 7 4.89 0.95 12.70
CA SER D 7 4.23 1.71 11.68
C SER D 7 4.71 1.19 10.36
N GLY D 8 3.88 1.31 9.37
CA GLY D 8 4.25 0.94 8.05
C GLY D 8 3.76 -0.30 7.37
N GLY D 9 3.18 -1.27 8.04
CA GLY D 9 2.74 -2.46 7.30
C GLY D 9 1.71 -2.36 6.18
N GLY D 10 1.56 -3.42 5.40
CA GLY D 10 0.55 -3.46 4.36
C GLY D 10 0.75 -4.50 3.27
N LEU D 11 0.11 -4.30 2.13
CA LEU D 11 0.23 -5.29 1.07
C LEU D 11 1.33 -4.97 0.07
N VAL D 12 2.18 -5.94 -0.21
CA VAL D 12 3.26 -5.74 -1.16
C VAL D 12 3.30 -6.85 -2.21
N LYS D 13 3.63 -6.49 -3.44
CA LYS D 13 3.83 -7.46 -4.50
C LYS D 13 5.23 -8.05 -4.41
N ALA D 14 5.34 -9.33 -4.73
CA ALA D 14 6.63 -10.00 -4.74
C ALA D 14 7.64 -9.21 -5.55
N GLY D 15 8.85 -9.11 -5.02
CA GLY D 15 9.91 -8.30 -5.60
C GLY D 15 9.90 -6.87 -5.07
N GLY D 16 8.79 -6.46 -4.48
CA GLY D 16 8.62 -5.11 -4.01
C GLY D 16 9.44 -4.75 -2.78
N SER D 17 9.31 -3.51 -2.34
CA SER D 17 9.99 -3.00 -1.15
C SER D 17 9.00 -2.42 -0.15
N LEU D 18 9.32 -2.55 1.13
CA LEU D 18 8.53 -1.94 2.20
C LEU D 18 9.43 -1.61 3.37
N ILE D 19 9.20 -0.45 3.95
CA ILE D 19 9.96 -0.02 5.11
C ILE D 19 9.06 0.14 6.34
N LEU D 20 9.48 -0.44 7.45
CA LEU D 20 8.75 -0.32 8.71
C LEU D 20 9.49 0.60 9.66
N SER D 21 8.77 1.25 10.57
CA SER D 21 9.40 1.99 11.64
C SER D 21 8.85 1.53 12.98
N CYS D 22 9.57 1.86 14.04
CA CYS D 22 9.15 1.51 15.39
C CYS D 22 9.44 2.69 16.32
N GLY D 23 8.41 3.13 17.03
CA GLY D 23 8.54 4.21 17.99
C GLY D 23 8.23 3.70 19.39
N VAL D 24 8.66 4.43 20.40
CA VAL D 24 8.51 4.00 21.79
C VAL D 24 7.92 5.05 22.71
N SER D 25 7.51 4.61 23.91
CA SER D 25 7.05 5.52 24.96
C SER D 25 7.61 5.11 26.32
N ASN D 26 8.04 6.09 27.10
CA ASN D 26 8.44 5.88 28.49
C ASN D 26 9.80 5.19 28.68
N PHE D 27 10.61 5.18 27.63
CA PHE D 27 12.02 4.86 27.79
C PHE D 27 12.80 5.36 26.58
N ARG D 28 14.12 5.44 26.70
CA ARG D 28 14.97 5.80 25.58
C ARG D 28 15.63 4.54 25.03
N ILE D 29 15.65 4.38 23.72
CA ILE D 29 16.24 3.19 23.11
C ILE D 29 17.77 3.10 23.18
N SER D 30 18.44 4.22 23.45
CA SER D 30 19.90 4.29 23.29
C SER D 30 20.65 3.16 23.99
N ALA D 31 20.25 2.81 25.21
CA ALA D 31 20.95 1.75 25.95
C ALA D 31 20.53 0.33 25.57
N HIS D 32 19.56 0.19 24.67
CA HIS D 32 18.99 -1.12 24.36
C HIS D 32 19.36 -1.61 22.96
N THR D 33 19.75 -2.87 22.86
CA THR D 33 19.80 -3.53 21.57
C THR D 33 18.35 -3.70 21.15
N MET D 34 18.05 -3.34 19.90
CA MET D 34 16.68 -3.38 19.41
C MET D 34 16.54 -4.45 18.36
N ASN D 35 15.36 -5.05 18.28
CA ASN D 35 15.15 -6.22 17.44
C ASN D 35 13.87 -6.20 16.63
N TRP D 36 13.88 -6.94 15.52
CA TRP D 36 12.68 -7.22 14.76
C TRP D 36 12.42 -8.71 14.78
N VAL D 37 11.15 -9.06 15.01
CA VAL D 37 10.72 -10.45 15.08
C VAL D 37 9.41 -10.57 14.32
N ARG D 38 9.16 -11.72 13.69
CA ARG D 38 7.93 -11.88 12.94
C ARG D 38 7.24 -13.20 13.28
N ARG D 39 5.91 -13.17 13.28
CA ARG D 39 5.13 -14.40 13.46
C ARG D 39 4.57 -14.81 12.12
N VAL D 40 4.99 -15.98 11.65
CA VAL D 40 4.54 -16.46 10.36
C VAL D 40 3.17 -17.10 10.51
N PRO D 41 2.44 -17.28 9.39
CA PRO D 41 1.07 -17.79 9.42
C PRO D 41 0.91 -19.08 10.24
N GLY D 42 1.91 -19.95 10.14
CA GLY D 42 1.92 -21.20 10.89
C GLY D 42 1.95 -21.04 12.40
N GLY D 43 2.18 -19.82 12.88
CA GLY D 43 2.07 -19.53 14.30
C GLY D 43 3.39 -19.38 15.03
N GLY D 44 4.48 -19.84 14.43
CA GLY D 44 5.79 -19.75 15.06
C GLY D 44 6.42 -18.36 14.94
N LEU D 45 7.31 -18.04 15.88
CA LEU D 45 8.07 -16.80 15.84
C LEU D 45 9.40 -16.99 15.11
N GLU D 46 9.83 -15.95 14.40
CA GLU D 46 11.11 -15.96 13.72
C GLU D 46 11.87 -14.68 14.03
N TRP D 47 13.07 -14.82 14.59
CA TRP D 47 13.96 -13.67 14.74
C TRP D 47 14.39 -13.16 13.38
N VAL D 48 14.29 -11.85 13.16
CA VAL D 48 14.57 -11.27 11.85
C VAL D 48 15.87 -10.47 11.84
N ALA D 49 16.01 -9.55 12.78
CA ALA D 49 17.19 -8.69 12.81
C ALA D 49 17.43 -8.09 14.18
N SER D 50 18.69 -7.74 14.42
CA SER D 50 19.09 -7.10 15.66
C SER D 50 20.07 -5.98 15.34
N ILE D 51 19.99 -4.90 16.10
CA ILE D 51 20.93 -3.79 15.96
C ILE D 51 21.43 -3.37 17.34
N SER D 52 22.74 -3.42 17.54
CA SER D 52 23.30 -3.16 18.85
C SER D 52 23.23 -1.68 19.21
N THR D 53 23.60 -1.38 20.45
CA THR D 53 23.77 0.00 20.87
C THR D 53 24.82 0.63 19.96
N SER D 54 24.70 1.93 19.73
CA SER D 54 25.63 2.69 18.87
C SER D 54 25.60 2.27 17.39
N SER D 55 24.70 1.34 17.06
CA SER D 55 24.56 0.79 15.70
C SER D 55 25.83 0.09 15.27
N THR D 56 26.64 -0.27 16.26
CA THR D 56 27.89 -0.94 16.03
C THR D 56 27.82 -2.31 15.34
N TYR D 57 26.86 -3.14 15.74
CA TYR D 57 26.75 -4.46 15.16
C TYR D 57 25.32 -4.69 14.71
N ARG D 58 25.17 -5.21 13.51
CA ARG D 58 23.88 -5.63 12.96
C ARG D 58 23.87 -7.08 12.51
N ASP D 59 22.88 -7.86 12.93
CA ASP D 59 22.82 -9.26 12.52
C ASP D 59 21.41 -9.59 12.02
N TYR D 60 21.33 -10.54 11.11
CA TYR D 60 20.10 -10.86 10.39
C TYR D 60 19.90 -12.36 10.30
N ALA D 61 18.64 -12.79 10.32
CA ALA D 61 18.31 -14.18 9.97
C ALA D 61 18.82 -14.46 8.57
N ASP D 62 19.40 -15.64 8.39
CA ASP D 62 19.89 -16.06 7.08
C ASP D 62 18.84 -15.88 5.99
N ALA D 63 17.58 -16.14 6.31
CA ALA D 63 16.52 -16.05 5.32
C ALA D 63 16.35 -14.66 4.73
N VAL D 64 16.84 -13.63 5.43
CA VAL D 64 16.64 -12.25 5.01
C VAL D 64 17.95 -11.53 4.76
N LYS D 65 19.06 -12.17 5.11
CA LYS D 65 20.39 -11.60 4.91
C LYS D 65 20.57 -11.14 3.46
N GLY D 66 21.02 -9.90 3.29
CA GLY D 66 21.24 -9.35 1.96
C GLY D 66 20.03 -8.58 1.42
N ARG D 67 18.86 -8.78 2.00
CA ARG D 67 17.64 -8.13 1.54
C ARG D 67 17.08 -7.15 2.56
N PHE D 68 17.34 -7.36 3.84
CA PHE D 68 16.84 -6.48 4.89
C PHE D 68 17.93 -5.63 5.51
N THR D 69 17.56 -4.46 6.00
CA THR D 69 18.44 -3.61 6.77
C THR D 69 17.72 -3.05 7.97
N VAL D 70 18.38 -3.07 9.11
CA VAL D 70 17.82 -2.48 10.31
C VAL D 70 18.63 -1.24 10.67
N SER D 71 17.96 -0.18 11.10
CA SER D 71 18.60 1.07 11.46
C SER D 71 17.96 1.61 12.73
N ARG D 72 18.70 2.43 13.46
CA ARG D 72 18.18 3.08 14.66
C ARG D 72 18.43 4.59 14.67
N ASP D 73 17.58 5.30 15.40
CA ASP D 73 17.65 6.75 15.58
C ASP D 73 17.56 7.01 17.08
N ASP D 74 18.71 7.10 17.73
CA ASP D 74 18.75 7.23 19.18
C ASP D 74 18.25 8.57 19.69
N LEU D 75 18.40 9.63 18.91
CA LEU D 75 18.04 10.96 19.36
C LEU D 75 16.51 11.13 19.46
N GLU D 76 15.78 10.58 18.50
CA GLU D 76 14.31 10.62 18.54
C GLU D 76 13.68 9.25 18.84
N ASP D 77 14.51 8.25 19.09
CA ASP D 77 14.03 6.93 19.50
C ASP D 77 13.18 6.22 18.46
N PHE D 78 13.76 5.97 17.29
CA PHE D 78 13.10 5.16 16.29
C PHE D 78 13.97 4.00 15.83
N VAL D 79 13.33 2.93 15.38
CA VAL D 79 14.01 1.81 14.76
C VAL D 79 13.36 1.58 13.40
N TYR D 80 14.16 1.21 12.40
CA TYR D 80 13.65 1.00 11.05
C TYR D 80 13.96 -0.40 10.56
N LEU D 81 13.09 -0.94 9.73
CA LEU D 81 13.43 -2.15 9.00
C LEU D 81 13.15 -1.93 7.52
N GLN D 82 14.20 -2.00 6.70
CA GLN D 82 14.02 -1.96 5.25
C GLN D 82 13.88 -3.36 4.74
N MET D 83 12.85 -3.61 3.95
CA MET D 83 12.64 -4.92 3.35
C MET D 83 12.60 -4.80 1.83
N HIS D 84 13.57 -5.44 1.18
CA HIS D 84 13.69 -5.40 -0.27
C HIS D 84 13.62 -6.79 -0.88
N LYS D 85 13.38 -6.83 -2.18
CA LYS D 85 13.31 -8.08 -2.94
C LYS D 85 12.41 -9.09 -2.22
N MET D 86 11.25 -8.62 -1.79
CA MET D 86 10.35 -9.41 -0.95
C MET D 86 9.76 -10.66 -1.57
N ARG D 87 9.64 -11.68 -0.73
CA ARG D 87 9.15 -13.00 -1.09
C ARG D 87 7.86 -13.29 -0.34
N VAL D 88 7.06 -14.21 -0.88
CA VAL D 88 5.79 -14.58 -0.27
C VAL D 88 5.97 -14.99 1.19
N GLU D 89 7.02 -15.77 1.45
CA GLU D 89 7.30 -16.24 2.80
C GLU D 89 7.79 -15.14 3.76
N ASP D 90 7.85 -13.90 3.30
CA ASP D 90 8.09 -12.77 4.19
C ASP D 90 6.78 -12.36 4.85
N THR D 91 5.68 -12.90 4.35
CA THR D 91 4.35 -12.65 4.89
C THR D 91 4.26 -13.01 6.36
N ALA D 92 3.95 -12.03 7.20
CA ALA D 92 3.91 -12.25 8.65
C ALA D 92 3.50 -11.01 9.40
N ILE D 93 3.32 -11.16 10.72
CA ILE D 93 3.16 -10.03 11.60
C ILE D 93 4.53 -9.69 12.10
N TYR D 94 4.92 -8.43 11.95
CA TYR D 94 6.24 -7.95 12.39
C TYR D 94 6.15 -7.19 13.70
N TYR D 95 6.98 -7.58 14.66
CA TYR D 95 7.02 -6.91 15.95
C TYR D 95 8.37 -6.26 16.14
N CYS D 96 8.35 -5.08 16.73
CA CYS D 96 9.53 -4.40 17.22
C CYS D 96 9.72 -4.85 18.68
N ALA D 97 10.94 -5.21 19.06
CA ALA D 97 11.18 -5.75 20.40
C ALA D 97 12.48 -5.24 21.01
N ARG D 98 12.40 -4.95 22.30
CA ARG D 98 13.54 -4.44 23.06
C ARG D 98 14.26 -5.55 23.79
N LYS D 99 15.58 -5.56 23.70
CA LYS D 99 16.38 -6.43 24.54
C LYS D 99 16.64 -5.68 25.85
N GLY D 100 16.26 -6.26 26.98
CA GLY D 100 16.36 -5.50 28.22
C GLY D 100 15.95 -6.21 29.48
N SER D 101 16.20 -5.55 30.62
CA SER D 101 15.81 -6.05 31.92
C SER D 101 15.87 -4.92 32.94
N ASP D 102 15.46 -5.22 34.17
CA ASP D 102 15.48 -4.23 35.27
C ASP D 102 16.84 -3.56 35.34
N ARG D 103 17.90 -4.38 35.34
CA ARG D 103 19.26 -3.91 35.17
C ARG D 103 19.94 -4.59 33.99
N LEU D 104 20.44 -3.79 33.03
CA LEU D 104 21.03 -4.34 31.81
C LEU D 104 22.24 -5.27 32.07
N SER D 105 22.39 -6.29 31.22
CA SER D 105 23.57 -7.16 31.26
C SER D 105 24.05 -7.42 29.83
N ASP D 106 25.10 -8.21 29.69
CA ASP D 106 25.59 -8.56 28.35
C ASP D 106 24.63 -9.42 27.54
N ASN D 107 23.59 -9.95 28.16
CA ASN D 107 22.63 -10.81 27.44
C ASN D 107 21.25 -10.92 28.11
N ASP D 108 20.32 -10.08 27.70
CA ASP D 108 18.98 -10.09 28.30
C ASP D 108 17.94 -10.52 27.29
N PRO D 109 16.78 -10.99 27.77
CA PRO D 109 15.71 -11.45 26.89
C PRO D 109 14.94 -10.27 26.31
N PHE D 110 13.94 -10.54 25.48
CA PHE D 110 13.12 -9.49 24.90
C PHE D 110 11.99 -9.17 25.86
N ASP D 111 12.15 -8.09 26.64
CA ASP D 111 11.25 -7.82 27.74
C ASP D 111 10.08 -6.91 27.39
N ALA D 112 10.12 -6.30 26.21
CA ALA D 112 9.02 -5.45 25.75
C ALA D 112 8.86 -5.55 24.25
N TRP D 113 7.61 -5.70 23.81
CA TRP D 113 7.28 -5.86 22.40
C TRP D 113 6.21 -4.89 21.95
N GLY D 114 6.23 -4.53 20.67
CA GLY D 114 5.16 -3.74 20.08
C GLY D 114 3.98 -4.67 19.80
N PRO D 115 2.80 -4.10 19.48
CA PRO D 115 1.64 -4.95 19.20
C PRO D 115 1.72 -5.74 17.89
N GLY D 116 2.60 -5.33 16.98
CA GLY D 116 2.77 -6.01 15.72
C GLY D 116 2.08 -5.32 14.56
N THR D 117 2.68 -5.38 13.38
CA THR D 117 2.06 -4.84 12.17
C THR D 117 2.09 -5.89 11.06
N VAL D 118 0.98 -6.01 10.34
CA VAL D 118 0.79 -7.07 9.36
C VAL D 118 1.42 -6.72 8.01
N VAL D 119 2.26 -7.62 7.52
CA VAL D 119 2.91 -7.47 6.23
C VAL D 119 2.54 -8.68 5.38
N THR D 120 1.98 -8.42 4.21
CA THR D 120 1.47 -9.49 3.35
C THR D 120 2.06 -9.35 1.98
N VAL D 121 2.80 -10.37 1.55
CA VAL D 121 3.37 -10.36 0.23
C VAL D 121 2.53 -11.26 -0.69
N SER D 122 1.91 -10.66 -1.69
CA SER D 122 1.14 -11.40 -2.67
C SER D 122 2.03 -12.10 -3.71
N PRO D 123 1.61 -13.28 -4.17
CA PRO D 123 2.44 -14.03 -5.13
C PRO D 123 2.64 -13.30 -6.45
N ALA D 124 1.63 -12.56 -6.87
CA ALA D 124 1.65 -11.84 -8.14
C ALA D 124 2.49 -10.56 -8.13
N SER D 125 3.52 -10.53 -8.95
CA SER D 125 4.33 -9.33 -9.11
C SER D 125 3.73 -8.45 -10.20
N THR D 126 2.81 -9.04 -10.98
CA THR D 126 2.29 -8.40 -12.19
C THR D 126 0.81 -8.75 -12.37
N LYS D 127 0.09 -7.88 -13.09
CA LYS D 127 -1.29 -8.16 -13.48
C LYS D 127 -1.63 -7.57 -14.84
N GLY D 128 -2.28 -8.35 -15.68
CA GLY D 128 -2.55 -7.94 -17.05
C GLY D 128 -3.81 -7.09 -17.13
N PRO D 129 -3.85 -6.15 -18.09
CA PRO D 129 -4.96 -5.19 -18.20
C PRO D 129 -6.24 -5.80 -18.75
N SER D 130 -7.38 -5.25 -18.35
CA SER D 130 -8.60 -5.43 -19.10
C SER D 130 -8.68 -4.32 -20.13
N VAL D 131 -9.20 -4.64 -21.32
CA VAL D 131 -9.30 -3.66 -22.39
C VAL D 131 -10.74 -3.55 -22.86
N PHE D 132 -11.25 -2.32 -22.86
CA PHE D 132 -12.64 -2.05 -23.24
C PHE D 132 -12.66 -1.06 -24.38
N PRO D 133 -13.60 -1.23 -25.33
CA PRO D 133 -13.63 -0.27 -26.43
C PRO D 133 -14.21 1.07 -26.00
N LEU D 134 -13.71 2.15 -26.59
CA LEU D 134 -14.38 3.44 -26.51
C LEU D 134 -14.99 3.61 -27.89
N ALA D 135 -16.18 3.05 -28.04
CA ALA D 135 -16.81 2.91 -29.34
C ALA D 135 -17.22 4.26 -29.94
N PRO D 136 -17.02 4.41 -31.26
CA PRO D 136 -17.52 5.62 -31.91
C PRO D 136 -19.05 5.62 -31.94
N SER D 137 -19.66 6.77 -31.72
CA SER D 137 -21.10 6.92 -31.85
C SER D 137 -21.44 8.36 -32.21
N SER D 138 -22.72 8.68 -32.25
CA SER D 138 -23.14 10.03 -32.61
C SER D 138 -22.59 11.03 -31.59
N LYS D 139 -22.28 10.53 -30.40
CA LYS D 139 -21.79 11.36 -29.30
C LYS D 139 -20.28 11.60 -29.38
N SER D 140 -19.64 10.81 -30.21
CA SER D 140 -18.26 11.00 -30.51
C SER D 140 -18.01 11.34 -32.02
N THR D 141 -19.01 11.78 -32.79
CA THR D 141 -18.79 12.03 -34.19
C THR D 141 -19.33 13.41 -34.40
N SER D 142 -18.55 14.25 -35.02
CA SER D 142 -18.95 15.61 -35.34
C SER D 142 -18.29 15.98 -36.65
N GLY D 143 -19.11 16.35 -37.62
CA GLY D 143 -18.63 16.76 -38.93
C GLY D 143 -17.78 15.66 -39.53
N GLY D 144 -16.63 16.03 -40.08
CA GLY D 144 -15.83 15.09 -40.82
C GLY D 144 -15.00 14.11 -40.00
N THR D 145 -15.04 14.22 -38.67
CA THR D 145 -14.16 13.42 -37.82
C THR D 145 -14.93 12.66 -36.76
N ALA D 146 -14.44 11.47 -36.43
CA ALA D 146 -14.96 10.64 -35.36
C ALA D 146 -13.82 10.24 -34.47
N ALA D 147 -14.07 10.15 -33.16
CA ALA D 147 -13.07 9.66 -32.24
C ALA D 147 -13.46 8.30 -31.68
N LEU D 148 -12.47 7.45 -31.54
CA LEU D 148 -12.64 6.14 -30.93
C LEU D 148 -11.37 5.78 -30.19
N GLY D 149 -11.40 4.71 -29.40
CA GLY D 149 -10.25 4.36 -28.59
C GLY D 149 -10.39 3.07 -27.81
N CYS D 150 -9.46 2.87 -26.88
CA CYS D 150 -9.47 1.73 -25.98
C CYS D 150 -9.18 2.20 -24.57
N LEU D 151 -9.88 1.58 -23.62
CA LEU D 151 -9.64 1.84 -22.21
C LEU D 151 -8.87 0.66 -21.66
N VAL D 152 -7.66 0.93 -21.17
CA VAL D 152 -6.79 -0.13 -20.69
C VAL D 152 -6.73 -0.04 -19.18
N LYS D 153 -7.39 -0.97 -18.51
CA LYS D 153 -7.75 -0.81 -17.11
C LYS D 153 -7.25 -1.93 -16.18
N ASP D 154 -6.85 -1.54 -14.96
CA ASP D 154 -6.58 -2.47 -13.87
C ASP D 154 -5.38 -3.39 -14.13
N TYR D 155 -4.26 -2.79 -14.50
CA TYR D 155 -3.02 -3.53 -14.70
C TYR D 155 -1.92 -3.05 -13.77
N PHE D 156 -0.85 -3.84 -13.67
CA PHE D 156 0.27 -3.49 -12.83
C PHE D 156 1.48 -4.36 -13.16
N PRO D 157 2.67 -3.76 -13.28
CA PRO D 157 2.96 -2.32 -13.18
C PRO D 157 3.05 -1.64 -14.53
N GLU D 158 3.44 -0.37 -14.53
CA GLU D 158 3.70 0.33 -15.76
C GLU D 158 4.90 -0.30 -16.44
N PRO D 159 4.98 -0.21 -17.78
CA PRO D 159 4.05 0.46 -18.68
C PRO D 159 3.30 -0.53 -19.56
N VAL D 160 2.38 0.00 -20.36
CA VAL D 160 1.78 -0.74 -21.44
C VAL D 160 1.97 0.11 -22.67
N THR D 161 2.17 -0.52 -23.82
CA THR D 161 2.28 0.22 -25.07
C THR D 161 1.01 -0.05 -25.84
N VAL D 162 0.57 0.94 -26.61
CA VAL D 162 -0.62 0.78 -27.43
C VAL D 162 -0.31 1.21 -28.84
N SER D 163 -0.63 0.34 -29.78
CA SER D 163 -0.53 0.65 -31.21
C SER D 163 -1.89 0.39 -31.84
N TRP D 164 -2.15 1.04 -32.96
CA TRP D 164 -3.42 0.90 -33.67
C TRP D 164 -3.21 0.25 -35.03
N ASN D 165 -4.03 -0.74 -35.34
CA ASN D 165 -3.90 -1.51 -36.59
C ASN D 165 -2.45 -1.93 -36.86
N SER D 166 -1.85 -2.54 -35.84
CA SER D 166 -0.51 -3.10 -35.90
C SER D 166 0.55 -2.11 -36.35
N GLY D 167 0.30 -0.83 -36.11
CA GLY D 167 1.25 0.23 -36.43
C GLY D 167 0.92 1.02 -37.67
N ALA D 168 -0.06 0.56 -38.44
CA ALA D 168 -0.45 1.25 -39.67
C ALA D 168 -1.07 2.61 -39.39
N LEU D 169 -1.76 2.73 -38.25
CA LEU D 169 -2.44 3.96 -37.87
C LEU D 169 -1.70 4.67 -36.73
N THR D 170 -1.05 5.80 -37.05
CA THR D 170 -0.25 6.54 -36.08
C THR D 170 -0.71 7.99 -36.01
N SER D 171 -1.11 8.55 -37.15
CA SER D 171 -1.57 9.93 -37.21
C SER D 171 -2.84 10.08 -36.39
N GLY D 172 -2.86 11.09 -35.53
CA GLY D 172 -4.05 11.41 -34.76
C GLY D 172 -4.17 10.60 -33.49
N VAL D 173 -3.19 9.74 -33.22
CA VAL D 173 -3.25 8.88 -32.05
C VAL D 173 -2.75 9.61 -30.83
N HIS D 174 -3.44 9.42 -29.72
CA HIS D 174 -3.02 9.95 -28.44
C HIS D 174 -3.13 8.85 -27.41
N THR D 175 -2.02 8.48 -26.78
CA THR D 175 -2.06 7.50 -25.71
C THR D 175 -1.69 8.23 -24.43
N PHE D 176 -2.64 8.30 -23.51
CA PHE D 176 -2.49 9.15 -22.34
C PHE D 176 -1.66 8.52 -21.22
N PRO D 177 -1.01 9.36 -20.39
CA PRO D 177 -0.32 8.92 -19.18
C PRO D 177 -1.24 8.08 -18.31
N ALA D 178 -0.74 6.99 -17.73
CA ALA D 178 -1.57 6.18 -16.86
C ALA D 178 -1.87 6.93 -15.57
N VAL D 179 -2.94 6.53 -14.89
CA VAL D 179 -3.32 7.11 -13.61
C VAL D 179 -3.43 5.98 -12.61
N LEU D 180 -3.12 6.25 -11.36
CA LEU D 180 -3.15 5.22 -10.34
C LEU D 180 -4.48 5.36 -9.61
N GLN D 181 -5.24 4.27 -9.62
CA GLN D 181 -6.55 4.25 -8.99
C GLN D 181 -6.42 3.91 -7.52
N SER D 182 -7.46 4.21 -6.74
CA SER D 182 -7.48 3.87 -5.33
C SER D 182 -7.34 2.37 -5.07
N SER D 183 -7.52 1.58 -6.12
CA SER D 183 -7.37 0.13 -6.01
C SER D 183 -5.91 -0.29 -6.05
N GLY D 184 -5.03 0.63 -6.41
CA GLY D 184 -3.63 0.32 -6.53
C GLY D 184 -3.29 -0.22 -7.91
N LEU D 185 -4.24 -0.14 -8.83
CA LEU D 185 -4.02 -0.58 -10.20
C LEU D 185 -4.08 0.60 -11.13
N TYR D 186 -3.35 0.52 -12.24
CA TYR D 186 -3.29 1.62 -13.18
C TYR D 186 -4.37 1.50 -14.25
N SER D 187 -4.63 2.60 -14.94
CA SER D 187 -5.46 2.58 -16.12
C SER D 187 -5.13 3.74 -17.02
N LEU D 188 -5.33 3.56 -18.32
CA LEU D 188 -5.08 4.62 -19.28
C LEU D 188 -5.97 4.42 -20.47
N SER D 189 -6.01 5.42 -21.33
CA SER D 189 -6.75 5.33 -22.55
C SER D 189 -5.87 5.69 -23.71
N SER D 190 -6.16 5.08 -24.85
CA SER D 190 -5.55 5.47 -26.10
C SER D 190 -6.68 5.77 -27.05
N VAL D 191 -6.60 6.92 -27.71
CA VAL D 191 -7.64 7.35 -28.64
C VAL D 191 -7.05 7.74 -29.97
N VAL D 192 -7.90 7.74 -31.00
CA VAL D 192 -7.50 8.19 -32.31
C VAL D 192 -8.71 8.84 -32.98
N THR D 193 -8.48 9.94 -33.68
CA THR D 193 -9.50 10.55 -34.50
C THR D 193 -9.38 10.14 -35.95
N VAL D 194 -10.50 9.81 -36.57
CA VAL D 194 -10.51 9.30 -37.93
C VAL D 194 -11.68 9.92 -38.68
N PRO D 195 -11.69 9.81 -40.01
CA PRO D 195 -12.83 10.35 -40.76
C PRO D 195 -14.10 9.57 -40.42
N SER D 196 -15.17 10.29 -40.09
CA SER D 196 -16.46 9.66 -39.81
C SER D 196 -16.88 8.75 -40.95
N SER D 197 -16.47 9.13 -42.16
CA SER D 197 -16.82 8.40 -43.38
C SER D 197 -16.17 7.01 -43.46
N SER D 198 -15.23 6.71 -42.58
CA SER D 198 -14.47 5.45 -42.64
C SER D 198 -15.05 4.34 -41.77
N LEU D 199 -15.83 4.72 -40.77
CA LEU D 199 -16.52 3.73 -39.93
C LEU D 199 -17.45 2.87 -40.77
N GLY D 200 -17.41 1.55 -40.55
CA GLY D 200 -18.18 0.60 -41.34
C GLY D 200 -17.47 0.00 -42.54
N THR D 201 -16.46 0.70 -43.05
CA THR D 201 -15.62 0.18 -44.13
C THR D 201 -14.22 -0.18 -43.60
N GLN D 202 -13.62 0.71 -42.83
CA GLN D 202 -12.30 0.47 -42.26
C GLN D 202 -12.43 -0.12 -40.86
N THR D 203 -11.70 -1.21 -40.62
CA THR D 203 -11.62 -1.84 -39.31
C THR D 203 -10.58 -1.15 -38.43
N TYR D 204 -10.89 -1.04 -37.14
CA TYR D 204 -9.99 -0.43 -36.16
C TYR D 204 -9.74 -1.32 -34.95
N ILE D 205 -8.46 -1.59 -34.70
CA ILE D 205 -8.05 -2.48 -33.62
C ILE D 205 -6.91 -1.88 -32.81
N CYS D 206 -7.06 -1.80 -31.50
CA CYS D 206 -5.97 -1.33 -30.66
C CYS D 206 -5.17 -2.55 -30.21
N ASN D 207 -3.85 -2.45 -30.35
CA ASN D 207 -2.95 -3.52 -29.97
C ASN D 207 -2.30 -3.15 -28.66
N VAL D 208 -2.62 -3.86 -27.59
CA VAL D 208 -2.08 -3.51 -26.29
C VAL D 208 -1.04 -4.53 -25.87
N ASN D 209 0.12 -4.02 -25.50
CA ASN D 209 1.25 -4.82 -25.05
C ASN D 209 1.63 -4.42 -23.64
N HIS D 210 1.41 -5.34 -22.71
CA HIS D 210 1.92 -5.20 -21.35
C HIS D 210 3.15 -6.07 -21.10
N LYS D 211 4.33 -5.54 -21.43
CA LYS D 211 5.58 -6.30 -21.37
C LYS D 211 5.84 -6.91 -20.00
N PRO D 212 5.69 -6.13 -18.92
CA PRO D 212 5.90 -6.69 -17.58
C PRO D 212 5.18 -8.00 -17.29
N SER D 213 4.00 -8.23 -17.88
CA SER D 213 3.34 -9.52 -17.77
C SER D 213 3.39 -10.31 -19.07
N ASN D 214 4.13 -9.79 -20.06
CA ASN D 214 4.16 -10.36 -21.41
C ASN D 214 2.76 -10.75 -21.88
N THR D 215 1.81 -9.85 -21.76
CA THR D 215 0.43 -10.10 -22.14
C THR D 215 0.17 -9.21 -23.33
N LYS D 216 -0.54 -9.75 -24.31
CA LYS D 216 -0.88 -8.98 -25.49
C LYS D 216 -2.36 -9.14 -25.78
N VAL D 217 -3.00 -8.04 -26.17
CA VAL D 217 -4.43 -8.04 -26.44
C VAL D 217 -4.74 -7.25 -27.69
N ASP D 218 -5.59 -7.81 -28.54
CA ASP D 218 -6.07 -7.11 -29.72
C ASP D 218 -7.56 -6.89 -29.58
N LYS D 219 -8.00 -5.64 -29.65
CA LYS D 219 -9.39 -5.29 -29.39
C LYS D 219 -10.01 -4.53 -30.56
N LYS D 220 -11.05 -5.09 -31.16
CA LYS D 220 -11.75 -4.43 -32.24
C LYS D 220 -12.74 -3.42 -31.71
N VAL D 221 -12.60 -2.17 -32.15
CA VAL D 221 -13.47 -1.10 -31.72
C VAL D 221 -14.44 -0.76 -32.85
N GLU D 222 -15.71 -1.08 -32.65
CA GLU D 222 -16.73 -0.86 -33.67
C GLU D 222 -17.89 -0.02 -33.14
N PRO D 223 -18.60 0.66 -34.06
CA PRO D 223 -19.78 1.48 -33.75
C PRO D 223 -20.81 0.78 -32.86
N LYS D 224 -21.48 1.57 -32.02
CA LYS D 224 -22.64 1.12 -31.25
C LYS D 224 -22.22 0.26 -30.07
N THR E 18 13.94 17.91 28.49
CA THR E 18 14.22 18.66 27.28
C THR E 18 14.79 17.76 26.19
N ILE E 19 13.91 17.02 25.52
CA ILE E 19 14.29 16.23 24.35
C ILE E 19 13.72 16.89 23.11
N ARG E 21 12.22 16.83 19.58
CA ARG E 21 11.55 15.81 18.78
C ARG E 21 10.84 16.39 17.56
N SER E 22 10.44 15.51 16.64
CA SER E 22 9.76 15.91 15.41
C SER E 22 8.28 15.60 15.44
N ILE E 23 7.92 14.45 16.01
CA ILE E 23 6.52 14.02 16.08
C ILE E 23 6.16 13.54 17.48
N PRO E 24 4.90 13.73 17.89
CA PRO E 24 3.82 14.37 17.16
C PRO E 24 3.85 15.90 17.27
N TRP E 25 4.83 16.42 18.00
CA TRP E 25 5.04 17.86 18.09
C TRP E 25 6.48 18.17 17.71
N TYR E 26 6.65 19.19 16.88
CA TYR E 26 7.99 19.67 16.55
C TYR E 26 8.47 20.53 17.70
N THR E 27 9.54 20.11 18.35
CA THR E 27 10.07 20.83 19.49
C THR E 27 11.53 21.22 19.45
N TYR E 28 12.15 21.11 18.30
CA TYR E 28 13.50 21.67 18.12
C TYR E 28 13.49 23.17 18.35
N ARG E 29 14.46 23.65 19.11
CA ARG E 29 14.55 25.05 19.52
C ARG E 29 15.65 25.88 18.93
N TRP E 30 16.59 25.27 18.25
CA TRP E 30 17.71 25.99 17.67
C TRP E 30 17.30 26.77 16.43
N LEU E 31 17.92 27.92 16.25
CA LEU E 31 17.71 28.76 15.08
C LEU E 31 19.04 28.96 14.35
N PRO E 32 19.13 28.48 13.09
CA PRO E 32 20.36 28.63 12.30
C PRO E 32 20.85 30.07 12.17
N ASN E 33 22.17 30.24 12.08
CA ASN E 33 22.79 31.57 12.05
C ASN E 33 23.10 32.01 10.62
N ILE F 19 33.27 -1.10 3.86
CA ILE F 19 32.36 -0.71 4.93
C ILE F 19 31.55 -1.91 5.37
N ARG F 21 28.35 -3.48 5.91
CA ARG F 21 27.03 -3.14 5.37
C ARG F 21 26.09 -4.33 5.50
N SER F 22 24.79 -4.06 5.30
CA SER F 22 23.76 -5.09 5.41
C SER F 22 23.21 -5.50 4.03
N ILE F 23 23.02 -4.52 3.15
CA ILE F 23 22.49 -4.79 1.81
C ILE F 23 23.33 -4.11 0.72
N PRO F 24 23.42 -4.73 -0.48
CA PRO F 24 22.82 -6.03 -0.83
C PRO F 24 23.65 -7.23 -0.37
N TRP F 25 24.78 -6.98 0.28
CA TRP F 25 25.58 -8.05 0.87
C TRP F 25 25.86 -7.77 2.34
N TYR F 26 25.68 -8.80 3.18
CA TYR F 26 26.04 -8.71 4.59
C TYR F 26 27.54 -8.92 4.72
N THR F 27 28.25 -7.89 5.19
CA THR F 27 29.71 -7.94 5.31
C THR F 27 30.31 -7.59 6.68
N TYR F 28 29.48 -7.55 7.71
CA TYR F 28 30.00 -7.43 9.07
C TYR F 28 30.85 -8.65 9.42
N ARG F 29 32.01 -8.42 10.05
CA ARG F 29 32.99 -9.48 10.29
C ARG F 29 33.22 -9.80 11.77
N TRP F 30 32.71 -8.96 12.66
CA TRP F 30 32.90 -9.17 14.10
C TRP F 30 32.05 -10.33 14.58
N LEU F 31 32.58 -11.08 15.54
CA LEU F 31 31.87 -12.20 16.14
C LEU F 31 31.75 -11.98 17.65
N PRO F 32 30.51 -11.81 18.16
CA PRO F 32 30.30 -11.62 19.59
C PRO F 32 30.90 -12.73 20.45
#